data_4AWG
#
_entry.id   4AWG
#
_cell.length_a   54.570
_cell.length_b   122.540
_cell.length_c   129.780
_cell.angle_alpha   90.00
_cell.angle_beta   90.00
_cell.angle_gamma   90.00
#
_symmetry.space_group_name_H-M   'P 21 21 21'
#
loop_
_entity.id
_entity.type
_entity.pdbx_description
1 polymer 'POLYMERASE PA'
2 non-polymer 'SULFATE ION'
3 non-polymer '(2Z)-4-[(3S)-1-benzyl-3-(4-chlorobenzyl)piperidin-3-yl]-2-hydroxy-4-oxobut-2-enoic acid'
4 non-polymer 'MANGANESE (II) ION'
5 water water
#
_entity_poly.entity_id   1
_entity_poly.type   'polypeptide(L)'
_entity_poly.pdbx_seq_one_letter_code
;MGSGMAMEDFVRQCFNPMIVELAEKAMKEYGEDPKIETNKFAAICTHLEVCFMYSDFHFIDERGESIIVESGDPNALLKH
RFEIIEGRDRIMAWTVVNSICNTTGVEKPKFLPDLYDYKENRFIEIGVTRREVHIYYLEKANKIKSEKTHIHIFSFTGEE
MATKADYTLDEESRARIKTRLFTIRQEMASRSLWDSFRQSERGE
;
_entity_poly.pdbx_strand_id   A,B,C,D
#
loop_
_chem_comp.id
_chem_comp.type
_chem_comp.name
_chem_comp.formula
CI3 non-polymer '(2Z)-4-[(3S)-1-benzyl-3-(4-chlorobenzyl)piperidin-3-yl]-2-hydroxy-4-oxobut-2-enoic acid' 'C23 H24 Cl N O4'
MN non-polymer 'MANGANESE (II) ION' 'Mn 2'
SO4 non-polymer 'SULFATE ION' 'O4 S -2'
#
# COMPACT_ATOMS: atom_id res chain seq x y z
N GLY A 4 -15.43 21.93 8.35
CA GLY A 4 -14.30 21.07 7.92
C GLY A 4 -13.56 21.63 6.73
N MET A 5 -14.26 22.35 5.84
CA MET A 5 -13.61 23.00 4.68
C MET A 5 -12.54 24.01 5.11
N ALA A 6 -12.81 24.75 6.17
CA ALA A 6 -11.95 25.87 6.57
C ALA A 6 -10.63 25.33 7.05
N MET A 7 -10.67 24.22 7.80
CA MET A 7 -9.44 23.61 8.30
C MET A 7 -8.67 22.99 7.17
N GLU A 8 -9.38 22.35 6.25
CA GLU A 8 -8.69 21.69 5.16
C GLU A 8 -7.99 22.75 4.34
N ASP A 9 -8.62 23.90 4.17
CA ASP A 9 -8.00 24.97 3.42
C ASP A 9 -6.80 25.51 4.19
N PHE A 10 -6.96 25.65 5.49
CA PHE A 10 -5.92 26.19 6.32
C PHE A 10 -4.67 25.29 6.24
N VAL A 11 -4.89 24.01 6.43
CA VAL A 11 -3.82 23.05 6.32
C VAL A 11 -3.05 23.19 5.02
N ARG A 12 -3.74 23.26 3.90
CA ARG A 12 -3.06 23.34 2.61
C ARG A 12 -2.28 24.63 2.47
N GLN A 13 -2.75 25.70 3.08
CA GLN A 13 -2.05 26.95 3.00
C GLN A 13 -0.92 27.02 3.99
N CYS A 14 -1.01 26.27 5.07
CA CYS A 14 -0.08 26.42 6.16
C CYS A 14 1.17 25.52 6.05
N PHE A 15 1.03 24.34 5.46
CA PHE A 15 2.16 23.41 5.39
C PHE A 15 2.69 23.30 3.98
N ASN A 16 3.98 23.04 3.88
CA ASN A 16 4.60 22.68 2.64
C ASN A 16 3.79 21.55 1.96
N PRO A 17 3.63 21.64 0.65
CA PRO A 17 2.90 20.61 -0.07
C PRO A 17 3.50 19.22 0.09
N MET A 18 4.81 19.13 0.26
CA MET A 18 5.42 17.86 0.50
C MET A 18 4.87 17.29 1.81
N ILE A 19 4.86 18.06 2.90
CA ILE A 19 4.30 17.62 4.20
C ILE A 19 2.86 17.14 4.01
N VAL A 20 2.11 17.91 3.22
CA VAL A 20 0.70 17.65 3.01
C VAL A 20 0.52 16.36 2.21
N GLU A 21 1.29 16.16 1.15
CA GLU A 21 1.30 14.89 0.43
C GLU A 21 1.64 13.70 1.34
N LEU A 22 2.59 13.87 2.25
CA LEU A 22 2.90 12.77 3.18
C LEU A 22 1.75 12.54 4.19
N ALA A 23 1.16 13.62 4.70
CA ALA A 23 0.04 13.47 5.66
C ALA A 23 -1.10 12.66 5.02
N GLU A 24 -1.43 12.95 3.77
CA GLU A 24 -2.53 12.28 3.10
C GLU A 24 -2.29 10.77 2.97
N LYS A 25 -1.04 10.40 2.66
CA LYS A 25 -0.67 8.98 2.51
C LYS A 25 -0.72 8.35 3.90
N ALA A 26 -0.23 9.10 4.87
CA ALA A 26 -0.26 8.63 6.22
C ALA A 26 -1.69 8.32 6.60
N MET A 27 -2.63 9.22 6.33
CA MET A 27 -4.00 8.96 6.71
C MET A 27 -4.64 7.77 5.98
N LYS A 28 -4.30 7.58 4.71
CA LYS A 28 -4.80 6.44 3.92
C LYS A 28 -4.32 5.12 4.55
N GLU A 29 -3.02 5.05 4.86
CA GLU A 29 -2.48 3.96 5.68
C GLU A 29 -3.34 3.76 6.95
N TYR A 30 -3.63 4.82 7.69
CA TYR A 30 -4.39 4.65 8.94
C TYR A 30 -5.86 4.33 8.69
N GLY A 31 -6.31 4.34 7.43
CA GLY A 31 -7.73 4.13 7.08
C GLY A 31 -8.58 5.37 7.24
N GLU A 32 -7.95 6.53 7.44
CA GLU A 32 -8.64 7.77 7.64
C GLU A 32 -8.71 8.58 6.36
N ASP A 33 -9.73 9.44 6.25
CA ASP A 33 -9.91 10.35 5.12
C ASP A 33 -9.68 11.79 5.54
N PRO A 34 -8.71 12.48 4.90
CA PRO A 34 -8.32 13.82 5.35
C PRO A 34 -9.43 14.85 5.27
N LYS A 35 -10.34 14.69 4.32
CA LYS A 35 -11.49 15.59 4.21
C LYS A 35 -12.54 15.36 5.30
N ILE A 36 -12.60 14.14 5.82
CA ILE A 36 -13.51 13.84 6.92
C ILE A 36 -12.81 14.31 8.20
N GLU A 37 -11.76 13.61 8.63
CA GLU A 37 -11.04 13.92 9.90
C GLU A 37 -9.98 15.02 9.74
N THR A 38 -10.48 16.21 9.45
CA THR A 38 -9.64 17.35 9.21
C THR A 38 -8.74 17.73 10.41
N ASN A 39 -9.19 17.52 11.65
CA ASN A 39 -8.32 17.80 12.80
C ASN A 39 -7.17 16.81 12.88
N LYS A 40 -7.47 15.54 12.75
CA LYS A 40 -6.40 14.60 12.76
C LYS A 40 -5.40 14.93 11.63
N PHE A 41 -5.92 15.47 10.52
CA PHE A 41 -5.11 15.90 9.37
C PHE A 41 -4.12 17.02 9.75
N ALA A 42 -4.59 18.06 10.46
CA ALA A 42 -3.68 19.12 10.96
C ALA A 42 -2.62 18.57 11.92
N ALA A 43 -3.05 17.70 12.84
CA ALA A 43 -2.16 17.16 13.83
C ALA A 43 -1.04 16.36 13.14
N ILE A 44 -1.42 15.62 12.11
CA ILE A 44 -0.46 14.76 11.52
C ILE A 44 0.52 15.61 10.70
N CYS A 45 0.04 16.65 10.01
CA CYS A 45 0.95 17.62 9.37
C CYS A 45 1.87 18.32 10.36
N THR A 46 1.36 18.68 11.51
CA THR A 46 2.19 19.37 12.49
C THR A 46 3.32 18.47 12.95
N HIS A 47 2.98 17.26 13.27
CA HIS A 47 3.94 16.32 13.80
C HIS A 47 5.01 16.04 12.82
N LEU A 48 4.64 15.77 11.56
CA LEU A 48 5.62 15.57 10.52
C LEU A 48 6.49 16.77 10.37
N GLU A 49 5.90 17.97 10.34
CA GLU A 49 6.75 19.13 10.25
C GLU A 49 7.80 19.23 11.40
N VAL A 50 7.38 18.96 12.62
CA VAL A 50 8.31 19.05 13.71
C VAL A 50 9.45 18.02 13.53
N CYS A 51 9.11 16.80 13.09
CA CYS A 51 10.13 15.81 12.79
C CYS A 51 11.14 16.29 11.75
N PHE A 52 10.69 16.84 10.63
CA PHE A 52 11.62 17.33 9.62
C PHE A 52 12.35 18.57 10.09
N MET A 53 11.68 19.42 10.86
CA MET A 53 12.38 20.57 11.44
C MET A 53 13.45 20.10 12.38
N TYR A 54 13.13 19.13 13.18
CA TYR A 54 14.08 18.65 14.19
C TYR A 54 15.41 18.30 13.44
N SER A 55 15.27 17.79 12.21
CA SER A 55 16.40 17.29 11.44
C SER A 55 17.14 18.34 10.62
N ASP A 56 16.45 19.37 10.13
CA ASP A 56 17.11 20.48 9.43
C ASP A 56 18.45 20.93 10.06
N PHE A 57 19.39 21.26 9.20
CA PHE A 57 20.62 21.94 9.60
C PHE A 57 21.59 21.10 10.36
N HIS A 58 21.21 19.86 10.70
CA HIS A 58 22.07 18.96 11.49
C HIS A 58 22.75 17.91 10.66
N PHE A 59 24.07 17.80 10.80
CA PHE A 59 24.83 16.89 9.94
C PHE A 59 25.94 16.18 10.68
N ILE A 60 26.66 15.33 9.98
CA ILE A 60 27.81 14.62 10.53
C ILE A 60 28.95 14.76 9.52
N ASP A 61 30.17 14.94 10.02
CA ASP A 61 31.32 15.24 9.16
C ASP A 61 32.11 13.95 8.92
N GLU A 62 33.32 14.03 8.37
CA GLU A 62 34.07 12.81 8.05
C GLU A 62 34.55 12.02 9.25
N ARG A 63 34.69 12.61 10.44
CA ARG A 63 35.11 11.84 11.65
C ARG A 63 33.95 11.46 12.56
N GLY A 64 32.72 11.68 12.11
CA GLY A 64 31.53 11.43 12.95
C GLY A 64 31.21 12.51 13.98
N GLU A 65 31.76 13.71 13.79
CA GLU A 65 31.49 14.82 14.68
C GLU A 65 30.18 15.45 14.18
N SER A 66 29.35 15.87 15.12
CA SER A 66 28.08 16.48 14.76
C SER A 66 28.32 17.94 14.42
N ILE A 67 27.52 18.48 13.51
CA ILE A 67 27.71 19.83 13.06
C ILE A 67 26.41 20.54 12.70
N ILE A 68 26.29 21.77 13.15
CA ILE A 68 25.11 22.56 12.90
C ILE A 68 25.51 23.49 11.80
N VAL A 69 24.66 23.54 10.76
CA VAL A 69 24.97 24.24 9.51
C VAL A 69 23.73 24.86 8.87
N GLU A 70 23.70 26.20 8.80
CA GLU A 70 22.58 26.91 8.16
C GLU A 70 22.02 26.26 6.90
N LEU A 77 26.69 18.98 0.09
CA LEU A 77 26.14 17.68 0.39
C LEU A 77 26.87 17.05 1.56
N LEU A 78 26.09 16.60 2.55
CA LEU A 78 26.60 16.16 3.85
C LEU A 78 25.76 15.04 4.45
N LYS A 79 26.37 14.14 5.23
CA LYS A 79 25.57 13.10 5.91
C LYS A 79 24.63 13.75 6.95
N HIS A 80 23.35 13.41 6.85
CA HIS A 80 22.35 13.85 7.80
C HIS A 80 22.63 13.22 9.12
N ARG A 81 22.44 13.96 10.18
CA ARG A 81 22.61 13.43 11.52
C ARG A 81 21.46 12.50 11.99
N PHE A 82 20.23 12.83 11.57
CA PHE A 82 19.05 12.03 11.85
C PHE A 82 18.51 11.27 10.65
N GLU A 83 18.12 10.02 10.92
CA GLU A 83 17.31 9.23 10.04
C GLU A 83 15.88 9.61 10.42
N ILE A 84 15.06 9.90 9.44
CA ILE A 84 13.70 10.24 9.71
C ILE A 84 12.86 9.03 9.42
N ILE A 85 12.23 8.56 10.47
CA ILE A 85 11.55 7.35 10.49
C ILE A 85 10.07 7.62 10.35
N GLU A 86 9.54 8.58 11.07
CA GLU A 86 8.14 9.00 10.87
C GLU A 86 7.97 9.38 9.43
N GLY A 87 6.78 9.24 8.87
CA GLY A 87 6.53 9.56 7.45
C GLY A 87 6.58 8.37 6.51
N ARG A 88 7.48 7.42 6.75
CA ARG A 88 7.51 6.23 5.90
C ARG A 88 6.40 5.31 6.31
N ASP A 89 5.98 4.44 5.40
CA ASP A 89 4.99 3.44 5.76
C ASP A 89 5.55 2.43 6.76
N ARG A 90 4.66 1.72 7.41
CA ARG A 90 5.02 0.98 8.59
C ARG A 90 6.04 -0.13 8.32
N ILE A 91 5.81 -0.95 7.31
CA ILE A 91 6.78 -1.96 6.95
C ILE A 91 8.12 -1.35 6.53
N MET A 92 8.10 -0.31 5.70
CA MET A 92 9.33 0.41 5.36
C MET A 92 9.99 0.95 6.60
N ALA A 93 9.18 1.53 7.47
CA ALA A 93 9.69 2.09 8.72
C ALA A 93 10.47 1.04 9.56
N TRP A 94 9.87 -0.12 9.78
CA TRP A 94 10.55 -1.18 10.51
C TRP A 94 11.79 -1.70 9.82
N THR A 95 11.78 -1.75 8.49
CA THR A 95 12.94 -2.16 7.73
C THR A 95 14.13 -1.28 8.07
N VAL A 96 13.94 0.02 7.94
CA VAL A 96 14.99 0.96 8.34
C VAL A 96 15.41 0.74 9.80
N VAL A 97 14.45 0.64 10.70
CA VAL A 97 14.78 0.44 12.11
C VAL A 97 15.60 -0.84 12.31
N ASN A 98 15.15 -1.95 11.77
CA ASN A 98 15.93 -3.18 11.93
C ASN A 98 17.36 -3.03 11.46
N SER A 99 17.52 -2.42 10.30
CA SER A 99 18.84 -2.25 9.75
C SER A 99 19.79 -1.32 10.55
N ILE A 100 19.24 -0.34 11.27
CA ILE A 100 20.04 0.53 12.13
C ILE A 100 20.53 -0.29 13.30
N CYS A 101 19.60 -1.02 13.88
CA CYS A 101 19.95 -1.96 14.92
C CYS A 101 20.96 -2.99 14.43
N ASN A 102 20.81 -3.50 13.23
CA ASN A 102 21.79 -4.47 12.70
C ASN A 102 23.17 -3.83 12.42
N THR A 103 23.17 -2.57 11.99
CA THR A 103 24.42 -1.87 11.75
C THR A 103 25.07 -1.36 13.04
N THR A 104 24.36 -1.32 14.17
CA THR A 104 24.89 -0.58 15.34
C THR A 104 24.69 -1.21 16.67
N GLY A 105 24.06 -2.37 16.74
CA GLY A 105 23.87 -3.03 18.04
C GLY A 105 22.89 -2.37 18.98
N VAL A 106 22.23 -1.30 18.54
CA VAL A 106 21.24 -0.66 19.36
C VAL A 106 20.05 -1.61 19.43
N GLU A 107 19.45 -1.76 20.59
CA GLU A 107 18.35 -2.71 20.71
C GLU A 107 17.12 -2.17 20.03
N LYS A 108 16.30 -3.10 19.54
CA LYS A 108 15.13 -2.76 18.79
C LYS A 108 14.11 -2.19 19.75
N PRO A 109 13.46 -1.11 19.34
CA PRO A 109 12.41 -0.59 20.19
C PRO A 109 11.17 -1.41 19.99
N LYS A 110 10.24 -1.33 20.93
CA LYS A 110 9.02 -2.13 20.86
C LYS A 110 7.98 -1.39 20.01
N PHE A 111 7.99 -0.05 20.06
CA PHE A 111 7.11 0.82 19.27
C PHE A 111 7.91 1.62 18.23
N LEU A 112 7.30 2.06 17.12
CA LEU A 112 8.03 2.80 16.08
C LEU A 112 8.33 4.17 16.57
N PRO A 113 9.58 4.62 16.44
CA PRO A 113 9.86 5.99 16.80
C PRO A 113 9.74 6.91 15.60
N ASP A 114 10.18 8.15 15.79
CA ASP A 114 10.11 9.11 14.77
C ASP A 114 11.45 9.33 14.11
N LEU A 115 12.52 9.33 14.92
CA LEU A 115 13.89 9.56 14.47
C LEU A 115 14.96 8.62 15.05
N TYR A 116 16.09 8.60 14.39
CA TYR A 116 17.28 7.94 14.90
C TYR A 116 18.45 8.94 14.86
N ASP A 117 19.16 9.04 15.97
CA ASP A 117 20.26 10.02 16.08
C ASP A 117 21.54 9.28 15.77
N TYR A 118 22.17 9.56 14.65
CA TYR A 118 23.43 8.85 14.31
C TYR A 118 24.66 9.25 15.19
N LYS A 119 24.63 10.43 15.82
CA LYS A 119 25.69 10.84 16.75
C LYS A 119 25.51 10.14 18.09
N GLU A 120 24.33 10.31 18.70
CA GLU A 120 24.07 9.74 20.01
C GLU A 120 23.70 8.28 19.98
N ASN A 121 23.57 7.70 18.80
CA ASN A 121 23.08 6.35 18.65
C ASN A 121 21.82 6.01 19.46
N ARG A 122 20.71 6.71 19.21
CA ARG A 122 19.45 6.37 19.86
C ARG A 122 18.23 6.81 19.07
N PHE A 123 17.12 6.14 19.30
CA PHE A 123 15.90 6.47 18.62
C PHE A 123 15.29 7.54 19.43
N ILE A 124 14.48 8.36 18.81
CA ILE A 124 13.80 9.47 19.48
C ILE A 124 12.35 9.35 19.15
N GLU A 125 11.49 9.49 20.17
CA GLU A 125 10.04 9.67 19.95
C GLU A 125 9.75 11.16 20.11
N ILE A 126 9.09 11.74 19.10
CA ILE A 126 8.77 13.18 19.14
C ILE A 126 7.31 13.30 19.40
N GLY A 127 6.97 14.01 20.45
CA GLY A 127 5.58 14.33 20.77
C GLY A 127 5.28 15.82 20.56
N VAL A 128 4.06 16.08 20.06
CA VAL A 128 3.50 17.41 19.94
C VAL A 128 2.10 17.34 20.53
N THR A 129 1.84 18.09 21.59
CA THR A 129 0.56 18.02 22.32
C THR A 129 -0.16 19.35 22.43
N ARG A 130 -1.46 19.33 22.14
CA ARG A 130 -2.34 20.43 22.41
C ARG A 130 -2.62 20.53 23.92
N ARG A 131 -2.30 19.49 24.68
CA ARG A 131 -2.47 19.48 26.15
C ARG A 131 -1.28 20.11 26.90
N GLU A 132 -1.11 19.82 28.18
CA GLU A 132 0.08 20.26 28.91
C GLU A 132 1.05 19.13 28.88
N VAL A 133 2.33 19.44 28.96
CA VAL A 133 3.36 18.52 28.48
C VAL A 133 3.73 17.36 29.41
N HIS A 134 3.51 17.52 30.71
CA HIS A 134 3.92 16.47 31.65
C HIS A 134 2.94 15.35 31.60
N ILE A 135 1.65 15.71 31.51
CA ILE A 135 0.62 14.73 31.29
C ILE A 135 0.94 13.88 30.06
N TYR A 136 1.38 14.52 28.97
CA TYR A 136 1.72 13.82 27.76
C TYR A 136 2.98 13.03 28.02
N TYR A 137 4.00 13.69 28.54
CA TYR A 137 5.25 12.99 28.86
C TYR A 137 4.99 11.70 29.61
N LEU A 138 4.11 11.77 30.59
CA LEU A 138 3.82 10.65 31.46
C LEU A 138 3.11 9.48 30.73
N GLU A 139 2.11 9.77 29.91
CA GLU A 139 1.50 8.73 29.08
C GLU A 139 2.51 8.02 28.16
N LYS A 140 3.34 8.79 27.45
CA LYS A 140 4.29 8.22 26.51
C LYS A 140 5.41 7.51 27.26
N ALA A 141 5.90 8.14 28.33
CA ALA A 141 7.02 7.60 29.10
C ALA A 141 6.63 6.28 29.77
N ASN A 142 5.43 6.25 30.34
CA ASN A 142 4.83 5.02 30.85
C ASN A 142 4.43 4.11 29.66
N LYS A 143 5.42 3.78 28.82
CA LYS A 143 5.25 3.09 27.52
C LYS A 143 6.50 3.27 26.60
N LYS A 148 14.69 2.38 26.12
CA LYS A 148 15.89 3.16 25.77
C LYS A 148 15.70 4.16 24.62
N THR A 149 14.46 4.37 24.20
CA THR A 149 14.10 5.35 23.17
C THR A 149 13.95 6.66 23.83
N HIS A 150 14.68 7.66 23.35
CA HIS A 150 14.65 8.98 23.96
C HIS A 150 13.36 9.66 23.62
N ILE A 151 12.76 10.35 24.60
CA ILE A 151 11.49 11.08 24.40
C ILE A 151 11.72 12.60 24.44
N HIS A 152 11.07 13.33 23.54
CA HIS A 152 11.16 14.79 23.50
C HIS A 152 9.79 15.28 23.10
N ILE A 153 9.22 16.14 23.93
CA ILE A 153 7.86 16.66 23.80
C ILE A 153 7.86 18.15 23.62
N PHE A 154 7.04 18.63 22.67
CA PHE A 154 6.79 20.04 22.48
C PHE A 154 5.32 20.35 22.68
N SER A 155 5.00 21.58 23.09
CA SER A 155 3.60 21.99 23.19
C SER A 155 3.32 23.09 22.19
N PHE A 156 2.04 23.30 21.87
CA PHE A 156 1.66 24.47 21.11
C PHE A 156 1.85 25.77 21.88
N THR A 157 2.03 25.70 23.20
CA THR A 157 2.16 26.92 24.03
C THR A 157 3.58 27.25 24.39
N GLY A 158 4.55 26.67 23.68
CA GLY A 158 5.95 27.05 23.88
C GLY A 158 6.77 26.27 24.91
N GLU A 159 6.18 25.28 25.57
CA GLU A 159 6.95 24.46 26.54
C GLU A 159 7.54 23.24 25.86
N GLU A 160 8.52 22.61 26.51
CA GLU A 160 9.07 21.36 26.02
C GLU A 160 9.56 20.53 27.18
N MET A 161 9.69 19.22 26.98
CA MET A 161 10.43 18.42 27.93
C MET A 161 11.00 17.15 27.31
N ALA A 162 12.10 16.65 27.88
CA ALA A 162 12.84 15.54 27.30
C ALA A 162 13.39 14.54 28.32
N THR A 163 13.50 13.27 27.92
CA THR A 163 14.05 12.25 28.77
C THR A 163 15.37 12.77 29.29
N LYS A 164 15.56 12.69 30.62
CA LYS A 164 16.78 13.08 31.29
C LYS A 164 17.13 14.56 31.15
N ALA A 165 16.19 15.39 30.73
CA ALA A 165 16.48 16.81 30.44
C ALA A 165 17.58 16.98 29.35
N ASP A 166 17.71 15.96 28.51
CA ASP A 166 18.62 16.00 27.37
C ASP A 166 17.80 16.30 26.12
N TYR A 167 17.87 17.56 25.68
CA TYR A 167 17.05 18.03 24.57
C TYR A 167 17.71 17.82 23.21
N THR A 168 18.84 17.11 23.20
CA THR A 168 19.56 16.78 21.97
C THR A 168 20.04 17.97 21.15
N LEU A 169 19.12 18.73 20.55
CA LEU A 169 19.50 19.86 19.69
C LEU A 169 19.99 21.00 20.52
N ASP A 170 20.58 21.96 19.87
CA ASP A 170 20.86 23.27 20.45
C ASP A 170 19.57 24.02 20.74
N GLU A 171 19.73 25.15 21.43
CA GLU A 171 18.61 26.02 21.82
C GLU A 171 17.91 26.72 20.64
N GLU A 172 18.67 27.17 19.65
CA GLU A 172 18.09 27.89 18.50
C GLU A 172 17.14 27.02 17.69
N SER A 173 17.57 25.79 17.46
CA SER A 173 16.78 24.85 16.73
C SER A 173 15.47 24.57 17.48
N ARG A 174 15.57 24.50 18.81
CA ARG A 174 14.38 24.31 19.65
C ARG A 174 13.41 25.50 19.66
N ALA A 175 13.94 26.71 19.77
CA ALA A 175 13.10 27.88 19.78
C ALA A 175 12.42 28.04 18.43
N ARG A 176 13.17 27.70 17.38
CA ARG A 176 12.62 27.63 16.04
C ARG A 176 11.33 26.77 15.99
N ILE A 177 11.39 25.56 16.53
CA ILE A 177 10.22 24.67 16.50
C ILE A 177 9.10 25.19 17.44
N LYS A 178 9.46 25.59 18.65
CA LYS A 178 8.50 26.18 19.60
C LYS A 178 7.78 27.40 19.04
N THR A 179 8.52 28.27 18.39
CA THR A 179 7.94 29.35 17.62
C THR A 179 6.96 28.89 16.54
N ARG A 180 7.42 28.04 15.62
CA ARG A 180 6.49 27.50 14.61
C ARG A 180 5.14 26.99 15.18
N LEU A 181 5.20 26.23 16.26
CA LEU A 181 4.01 25.64 16.90
C LEU A 181 3.11 26.71 17.49
N PHE A 182 3.75 27.72 18.05
CA PHE A 182 3.04 28.84 18.62
C PHE A 182 2.37 29.62 17.49
N THR A 183 3.08 29.86 16.41
CA THR A 183 2.45 30.54 15.28
C THR A 183 1.25 29.74 14.75
N ILE A 184 1.38 28.42 14.65
CA ILE A 184 0.32 27.60 14.05
C ILE A 184 -0.93 27.81 14.86
N ARG A 185 -0.75 27.97 16.17
CA ARG A 185 -1.86 28.15 17.10
C ARG A 185 -2.59 29.48 16.92
N GLN A 186 -1.83 30.57 16.88
CA GLN A 186 -2.38 31.90 16.62
C GLN A 186 -3.22 31.85 15.36
N GLU A 187 -2.60 31.35 14.28
CA GLU A 187 -3.26 31.32 12.97
C GLU A 187 -4.57 30.53 12.98
N MET A 188 -4.58 29.41 13.69
CA MET A 188 -5.80 28.66 13.87
C MET A 188 -6.82 29.43 14.67
N ALA A 189 -6.40 29.94 15.83
CA ALA A 189 -7.26 30.71 16.70
C ALA A 189 -7.89 31.87 15.90
N SER A 190 -7.09 32.69 15.21
CA SER A 190 -7.61 33.71 14.23
C SER A 190 -8.72 33.23 13.31
N ARG A 191 -8.59 32.02 12.82
CA ARG A 191 -9.53 31.47 11.85
C ARG A 191 -10.68 30.72 12.55
N SER A 192 -10.83 31.06 13.84
CA SER A 192 -11.60 30.32 14.83
C SER A 192 -11.61 28.82 14.60
N LEU A 193 -10.43 28.22 14.45
CA LEU A 193 -10.29 26.79 14.27
C LEU A 193 -9.65 26.10 15.45
N TRP A 194 -9.16 26.87 16.41
CA TRP A 194 -8.35 26.30 17.46
C TRP A 194 -9.14 25.59 18.52
N ASP A 195 -10.22 26.18 19.00
CA ASP A 195 -11.04 25.46 19.97
C ASP A 195 -11.39 24.07 19.50
N SER A 196 -11.85 23.92 18.27
CA SER A 196 -12.20 22.59 17.80
C SER A 196 -10.96 21.68 17.79
N PHE A 197 -9.80 22.24 17.43
CA PHE A 197 -8.58 21.44 17.31
C PHE A 197 -8.11 20.92 18.66
N ARG A 198 -8.17 21.80 19.64
CA ARG A 198 -7.83 21.50 21.04
C ARG A 198 -8.81 20.50 21.68
N GLN A 199 -10.11 20.77 21.54
CA GLN A 199 -11.15 19.92 22.12
C GLN A 199 -11.13 18.48 21.53
N SER A 200 -10.51 18.28 20.37
CA SER A 200 -10.29 16.94 19.84
C SER A 200 -8.86 16.53 20.10
N GLY B 4 26.36 -0.18 -6.54
CA GLY B 4 25.02 0.46 -6.57
C GLY B 4 24.70 1.28 -5.32
N MET B 5 25.33 0.94 -4.20
CA MET B 5 25.08 1.62 -2.93
C MET B 5 25.44 3.11 -2.94
N ALA B 6 26.47 3.49 -3.69
CA ALA B 6 26.99 4.86 -3.66
C ALA B 6 25.98 5.87 -4.18
N MET B 7 25.24 5.50 -5.22
CA MET B 7 24.16 6.33 -5.78
C MET B 7 23.04 6.53 -4.76
N GLU B 8 22.84 5.53 -3.91
CA GLU B 8 21.91 5.67 -2.80
C GLU B 8 22.38 6.69 -1.76
N ASP B 9 23.60 6.59 -1.26
CA ASP B 9 24.08 7.63 -0.32
C ASP B 9 23.92 9.00 -0.97
N PHE B 10 24.21 9.10 -2.28
CA PHE B 10 24.14 10.36 -2.98
C PHE B 10 22.74 10.91 -2.96
N VAL B 11 21.76 10.04 -3.17
CA VAL B 11 20.41 10.49 -3.32
C VAL B 11 19.94 10.98 -2.01
N ARG B 12 20.37 10.32 -0.95
CA ARG B 12 19.92 10.64 0.40
C ARG B 12 20.56 11.89 0.92
N GLN B 13 21.68 12.29 0.34
CA GLN B 13 22.41 13.50 0.76
C GLN B 13 22.11 14.70 -0.15
N CYS B 14 21.72 14.43 -1.38
CA CYS B 14 21.43 15.50 -2.34
C CYS B 14 20.00 16.00 -2.17
N PHE B 15 19.09 15.10 -1.85
CA PHE B 15 17.68 15.43 -1.83
C PHE B 15 17.15 15.52 -0.43
N ASN B 16 16.31 16.51 -0.28
CA ASN B 16 15.59 16.73 0.93
C ASN B 16 14.84 15.44 1.39
N PRO B 17 14.88 15.18 2.68
CA PRO B 17 14.24 13.97 3.16
C PRO B 17 12.78 13.86 2.82
N MET B 18 12.07 14.96 2.68
CA MET B 18 10.68 14.91 2.28
C MET B 18 10.53 14.34 0.88
N ILE B 19 11.36 14.81 -0.04
CA ILE B 19 11.40 14.29 -1.42
C ILE B 19 11.71 12.80 -1.39
N VAL B 20 12.63 12.40 -0.52
CA VAL B 20 13.13 11.03 -0.56
C VAL B 20 12.06 10.07 -0.07
N GLU B 21 11.29 10.48 0.93
CA GLU B 21 10.14 9.66 1.32
C GLU B 21 9.12 9.58 0.17
N LEU B 22 8.86 10.66 -0.58
CA LEU B 22 7.86 10.54 -1.64
C LEU B 22 8.38 9.65 -2.80
N ALA B 23 9.68 9.68 -3.05
CA ALA B 23 10.29 8.88 -4.09
C ALA B 23 10.20 7.41 -3.71
N GLU B 24 10.53 7.09 -2.46
CA GLU B 24 10.37 5.70 -1.94
C GLU B 24 8.96 5.22 -2.10
N LYS B 25 7.98 6.02 -1.72
CA LYS B 25 6.56 5.60 -1.79
C LYS B 25 6.17 5.33 -3.23
N ALA B 26 6.57 6.26 -4.09
CA ALA B 26 6.32 6.12 -5.50
C ALA B 26 6.88 4.79 -6.03
N MET B 27 8.10 4.41 -5.64
CA MET B 27 8.69 3.23 -6.24
C MET B 27 8.01 1.95 -5.74
N LYS B 28 7.62 1.96 -4.47
CA LYS B 28 6.83 0.87 -3.93
C LYS B 28 5.53 0.84 -4.74
N GLU B 29 4.80 1.94 -4.78
CA GLU B 29 3.62 1.98 -5.63
C GLU B 29 3.85 1.27 -6.94
N TYR B 30 4.98 1.54 -7.60
CA TYR B 30 5.25 1.03 -8.96
C TYR B 30 5.70 -0.42 -8.97
N GLY B 31 6.08 -0.95 -7.82
CA GLY B 31 6.61 -2.30 -7.73
C GLY B 31 8.12 -2.38 -7.66
N GLU B 32 8.79 -1.26 -7.42
CA GLU B 32 10.25 -1.18 -7.45
C GLU B 32 10.97 -0.98 -6.10
N ASP B 33 12.21 -1.43 -6.06
CA ASP B 33 13.05 -1.35 -4.87
C ASP B 33 14.12 -0.26 -5.04
N PRO B 34 14.03 0.80 -4.24
CA PRO B 34 15.02 1.89 -4.36
C PRO B 34 16.46 1.44 -4.20
N LYS B 35 16.68 0.38 -3.43
CA LYS B 35 18.05 -0.10 -3.19
C LYS B 35 18.56 -0.92 -4.35
N ILE B 36 17.65 -1.47 -5.17
CA ILE B 36 18.00 -2.22 -6.38
C ILE B 36 18.20 -1.23 -7.54
N GLU B 37 17.11 -0.59 -7.94
CA GLU B 37 17.05 0.34 -9.08
C GLU B 37 17.38 1.79 -8.74
N THR B 38 18.61 2.04 -8.31
CA THR B 38 18.95 3.32 -7.70
C THR B 38 19.03 4.44 -8.73
N ASN B 39 19.21 4.11 -10.00
CA ASN B 39 19.20 5.14 -11.01
C ASN B 39 17.77 5.68 -11.22
N LYS B 40 16.77 4.79 -11.20
CA LYS B 40 15.35 5.21 -11.16
C LYS B 40 15.06 6.16 -9.99
N PHE B 41 15.51 5.76 -8.81
CA PHE B 41 15.35 6.51 -7.56
C PHE B 41 15.79 7.96 -7.73
N ALA B 42 16.99 8.13 -8.28
CA ALA B 42 17.57 9.45 -8.49
C ALA B 42 16.62 10.25 -9.38
N ALA B 43 16.25 9.61 -10.49
CA ALA B 43 15.42 10.18 -11.53
C ALA B 43 14.07 10.62 -10.98
N ILE B 44 13.47 9.78 -10.16
CA ILE B 44 12.24 10.11 -9.51
C ILE B 44 12.39 11.20 -8.46
N CYS B 45 13.52 11.24 -7.76
CA CYS B 45 13.76 12.33 -6.82
C CYS B 45 13.91 13.63 -7.60
N THR B 46 14.60 13.55 -8.74
CA THR B 46 14.83 14.77 -9.54
C THR B 46 13.54 15.34 -10.00
N HIS B 47 12.75 14.50 -10.65
CA HIS B 47 11.46 14.93 -11.19
C HIS B 47 10.54 15.50 -10.10
N LEU B 48 10.56 14.92 -8.90
CA LEU B 48 9.67 15.40 -7.84
C LEU B 48 10.12 16.78 -7.39
N GLU B 49 11.43 16.92 -7.27
CA GLU B 49 12.00 18.16 -6.85
C GLU B 49 11.67 19.29 -7.78
N VAL B 50 11.80 19.06 -9.10
CA VAL B 50 11.43 20.07 -10.07
C VAL B 50 9.98 20.40 -9.97
N CYS B 51 9.12 19.38 -9.76
CA CYS B 51 7.69 19.65 -9.63
C CYS B 51 7.35 20.61 -8.49
N PHE B 52 7.82 20.32 -7.28
CA PHE B 52 7.67 21.30 -6.17
C PHE B 52 8.38 22.66 -6.33
N MET B 53 9.58 22.65 -6.93
CA MET B 53 10.30 23.89 -7.16
C MET B 53 9.46 24.74 -8.08
N TYR B 54 8.83 24.13 -9.06
CA TYR B 54 8.03 24.88 -10.00
C TYR B 54 6.96 25.70 -9.31
N SER B 55 6.47 25.20 -8.18
CA SER B 55 5.35 25.81 -7.46
C SER B 55 5.83 26.74 -6.34
N ASP B 56 7.07 26.58 -5.87
CA ASP B 56 7.60 27.49 -4.82
C ASP B 56 7.28 28.95 -5.19
N PHE B 57 6.87 29.73 -4.21
CA PHE B 57 6.83 31.15 -4.41
C PHE B 57 5.71 31.62 -5.31
N HIS B 58 4.86 30.74 -5.80
CA HIS B 58 3.77 31.20 -6.69
C HIS B 58 2.47 31.08 -6.00
N PHE B 59 1.72 32.16 -5.97
CA PHE B 59 0.52 32.18 -5.15
C PHE B 59 -0.52 32.99 -5.84
N ILE B 60 -1.68 32.98 -5.20
CA ILE B 60 -2.83 33.72 -5.70
C ILE B 60 -3.38 34.52 -4.57
N ASP B 61 -3.75 35.76 -4.84
CA ASP B 61 -4.20 36.69 -3.81
C ASP B 61 -5.71 36.66 -3.76
N GLU B 62 -6.31 37.49 -2.90
CA GLU B 62 -7.78 37.48 -2.72
C GLU B 62 -8.56 37.78 -4.01
N ARG B 63 -8.03 38.68 -4.82
CA ARG B 63 -8.69 39.04 -6.07
C ARG B 63 -8.64 37.95 -7.18
N GLY B 64 -7.73 36.96 -7.05
CA GLY B 64 -7.48 35.98 -8.11
C GLY B 64 -6.26 36.31 -8.97
N GLU B 65 -5.43 37.24 -8.51
CA GLU B 65 -4.23 37.64 -9.25
C GLU B 65 -3.09 36.65 -8.95
N SER B 66 -2.26 36.34 -9.94
CA SER B 66 -1.07 35.52 -9.67
C SER B 66 0.02 36.40 -9.13
N ILE B 67 0.76 35.91 -8.13
CA ILE B 67 1.84 36.72 -7.54
C ILE B 67 3.04 35.85 -7.21
N ILE B 68 4.19 36.48 -7.02
CA ILE B 68 5.44 35.80 -6.67
C ILE B 68 6.01 36.38 -5.38
N VAL B 69 6.42 35.53 -4.45
CA VAL B 69 6.77 35.95 -3.09
C VAL B 69 7.85 35.04 -2.51
N GLU B 70 9.05 35.57 -2.23
CA GLU B 70 10.19 34.71 -1.79
C GLU B 70 10.08 34.22 -0.34
N LEU B 77 0.95 33.57 4.60
CA LEU B 77 0.06 32.42 4.53
C LEU B 77 -1.04 32.58 3.46
N LEU B 78 -0.84 31.93 2.30
CA LEU B 78 -1.58 32.23 1.08
C LEU B 78 -1.97 31.04 0.22
N LYS B 79 -3.05 31.22 -0.56
CA LYS B 79 -3.42 30.32 -1.68
C LYS B 79 -2.26 29.99 -2.64
N HIS B 80 -1.93 28.71 -2.78
CA HIS B 80 -0.94 28.25 -3.76
C HIS B 80 -1.48 28.42 -5.13
N ARG B 81 -0.64 28.76 -6.08
CA ARG B 81 -1.04 28.90 -7.48
C ARG B 81 -1.18 27.57 -8.22
N PHE B 82 -0.38 26.58 -7.84
CA PHE B 82 -0.40 25.28 -8.50
C PHE B 82 -0.85 24.17 -7.56
N GLU B 83 -1.68 23.27 -8.06
CA GLU B 83 -1.99 22.05 -7.37
C GLU B 83 -0.87 21.11 -7.74
N ILE B 84 -0.31 20.40 -6.78
CA ILE B 84 0.69 19.40 -7.12
C ILE B 84 0.12 17.97 -7.20
N ILE B 85 0.04 17.50 -8.43
CA ILE B 85 -0.53 16.20 -8.74
C ILE B 85 0.52 15.14 -8.58
N GLU B 86 1.70 15.38 -9.14
CA GLU B 86 2.79 14.43 -8.96
C GLU B 86 3.01 14.20 -7.46
N GLY B 87 3.36 12.98 -7.08
CA GLY B 87 3.72 12.71 -5.70
C GLY B 87 2.64 11.98 -4.94
N ARG B 88 1.37 12.29 -5.25
CA ARG B 88 0.25 11.56 -4.64
C ARG B 88 0.15 10.21 -5.29
N ASP B 89 -0.57 9.27 -4.69
CA ASP B 89 -0.75 7.97 -5.32
C ASP B 89 -1.79 8.10 -6.42
N ARG B 90 -1.83 7.08 -7.25
CA ARG B 90 -2.50 7.16 -8.52
C ARG B 90 -3.99 7.50 -8.27
N ILE B 91 -4.58 6.82 -7.31
CA ILE B 91 -6.00 7.04 -6.97
C ILE B 91 -6.26 8.45 -6.43
N MET B 92 -5.37 8.93 -5.57
CA MET B 92 -5.56 10.28 -4.97
C MET B 92 -5.39 11.31 -6.08
N ALA B 93 -4.44 11.06 -6.96
CA ALA B 93 -4.18 11.95 -8.08
C ALA B 93 -5.42 12.08 -8.96
N TRP B 94 -5.98 10.97 -9.41
CA TRP B 94 -7.15 11.10 -10.25
C TRP B 94 -8.31 11.77 -9.53
N THR B 95 -8.47 11.54 -8.25
CA THR B 95 -9.57 12.17 -7.49
C THR B 95 -9.48 13.69 -7.55
N VAL B 96 -8.27 14.19 -7.32
CA VAL B 96 -8.00 15.60 -7.44
C VAL B 96 -8.21 16.09 -8.87
N VAL B 97 -7.65 15.39 -9.85
CA VAL B 97 -7.87 15.78 -11.25
C VAL B 97 -9.38 15.81 -11.57
N ASN B 98 -10.08 14.75 -11.24
CA ASN B 98 -11.52 14.75 -11.44
C ASN B 98 -12.21 15.98 -10.83
N SER B 99 -11.81 16.31 -9.62
CA SER B 99 -12.43 17.40 -8.88
C SER B 99 -12.27 18.76 -9.57
N ILE B 100 -11.06 19.07 -9.97
CA ILE B 100 -10.73 20.32 -10.65
C ILE B 100 -11.49 20.47 -11.97
N CYS B 101 -11.50 19.40 -12.75
CA CYS B 101 -12.26 19.36 -13.98
C CYS B 101 -13.75 19.58 -13.64
N ASN B 102 -14.20 18.89 -12.61
CA ASN B 102 -15.58 18.93 -12.19
C ASN B 102 -15.92 20.36 -11.69
N THR B 103 -15.01 20.99 -10.97
CA THR B 103 -15.20 22.38 -10.63
C THR B 103 -15.06 23.24 -11.87
N THR B 104 -13.83 23.38 -12.34
CA THR B 104 -13.53 24.42 -13.31
C THR B 104 -14.02 24.07 -14.70
N GLY B 105 -14.52 22.88 -14.90
CA GLY B 105 -15.03 22.51 -16.22
C GLY B 105 -13.98 22.21 -17.26
N VAL B 106 -12.68 22.33 -16.96
CA VAL B 106 -11.62 21.94 -17.93
C VAL B 106 -11.72 20.43 -18.28
N GLU B 107 -11.30 20.08 -19.50
CA GLU B 107 -11.36 18.70 -19.96
C GLU B 107 -10.40 17.76 -19.23
N LYS B 108 -10.92 16.60 -18.80
CA LYS B 108 -10.14 15.54 -18.20
C LYS B 108 -9.01 15.13 -19.11
N PRO B 109 -7.78 15.13 -18.60
CA PRO B 109 -6.69 14.69 -19.45
C PRO B 109 -6.68 13.19 -19.55
N LYS B 110 -5.92 12.65 -20.49
CA LYS B 110 -5.98 11.21 -20.70
C LYS B 110 -5.04 10.56 -19.72
N PHE B 111 -3.84 11.13 -19.56
CA PHE B 111 -2.86 10.63 -18.60
C PHE B 111 -2.71 11.63 -17.44
N LEU B 112 -2.26 11.13 -16.28
CA LEU B 112 -1.98 11.94 -15.13
C LEU B 112 -0.90 12.96 -15.43
N PRO B 113 -1.24 14.22 -15.29
CA PRO B 113 -0.26 15.28 -15.39
C PRO B 113 0.45 15.52 -14.07
N ASP B 114 1.28 16.53 -14.03
CA ASP B 114 2.07 16.80 -12.84
C ASP B 114 1.52 17.93 -12.01
N LEU B 115 0.97 18.94 -12.67
CA LEU B 115 0.46 20.11 -12.01
C LEU B 115 -0.84 20.61 -12.61
N TYR B 116 -1.52 21.49 -11.88
CA TYR B 116 -2.62 22.28 -12.42
C TYR B 116 -2.40 23.70 -12.02
N ASP B 117 -2.53 24.59 -13.00
CA ASP B 117 -2.29 26.01 -12.81
C ASP B 117 -3.64 26.68 -12.61
N TYR B 118 -3.95 27.01 -11.37
CA TYR B 118 -5.24 27.58 -11.02
C TYR B 118 -5.52 28.95 -11.65
N LYS B 119 -4.47 29.61 -12.16
CA LYS B 119 -4.57 30.90 -12.80
C LYS B 119 -4.73 30.81 -14.31
N GLU B 120 -3.98 29.92 -14.96
CA GLU B 120 -4.17 29.68 -16.39
C GLU B 120 -5.26 28.63 -16.61
N ASN B 121 -5.76 28.05 -15.53
CA ASN B 121 -6.69 26.92 -15.63
C ASN B 121 -6.27 25.89 -16.69
N ARG B 122 -5.09 25.29 -16.49
CA ARG B 122 -4.67 24.17 -17.34
C ARG B 122 -3.74 23.25 -16.58
N PHE B 123 -3.71 21.98 -16.95
CA PHE B 123 -2.77 21.05 -16.38
C PHE B 123 -1.45 21.16 -17.05
N ILE B 124 -0.41 20.72 -16.36
CA ILE B 124 0.94 20.83 -16.85
C ILE B 124 1.63 19.51 -16.67
N GLU B 125 2.34 19.07 -17.70
CA GLU B 125 3.25 17.95 -17.62
C GLU B 125 4.66 18.50 -17.55
N ILE B 126 5.50 17.94 -16.68
CA ILE B 126 6.84 18.45 -16.46
C ILE B 126 7.78 17.30 -16.83
N GLY B 127 8.66 17.56 -17.78
CA GLY B 127 9.63 16.59 -18.20
C GLY B 127 11.05 16.98 -17.82
N VAL B 128 11.79 16.02 -17.27
CA VAL B 128 13.19 16.20 -16.96
C VAL B 128 13.92 15.09 -17.69
N THR B 129 14.74 15.49 -18.65
CA THR B 129 15.34 14.59 -19.60
C THR B 129 16.84 14.71 -19.54
N ARG B 130 17.49 13.58 -19.73
CA ARG B 130 18.91 13.65 -19.90
C ARG B 130 19.29 13.61 -21.40
N ARG B 131 18.31 13.62 -22.30
CA ARG B 131 18.56 13.76 -23.74
C ARG B 131 18.38 15.22 -24.05
N GLU B 132 17.82 15.56 -25.22
CA GLU B 132 17.60 16.95 -25.60
C GLU B 132 16.11 17.19 -25.73
N VAL B 133 15.73 18.45 -25.65
CA VAL B 133 14.37 18.75 -25.30
C VAL B 133 13.31 18.56 -26.39
N HIS B 134 13.64 18.77 -27.66
CA HIS B 134 12.68 18.43 -28.71
C HIS B 134 12.43 16.92 -28.83
N ILE B 135 13.46 16.12 -28.70
CA ILE B 135 13.31 14.67 -28.71
C ILE B 135 12.34 14.25 -27.60
N TYR B 136 12.55 14.76 -26.38
CA TYR B 136 11.65 14.49 -25.30
C TYR B 136 10.28 15.06 -25.60
N TYR B 137 10.22 16.34 -25.97
CA TYR B 137 8.94 17.00 -26.25
C TYR B 137 8.13 16.15 -27.22
N LEU B 138 8.71 15.93 -28.39
CA LEU B 138 8.05 15.16 -29.42
C LEU B 138 7.46 13.90 -28.81
N GLU B 139 8.25 13.25 -27.96
CA GLU B 139 7.85 12.01 -27.32
C GLU B 139 6.63 12.17 -26.37
N LYS B 140 6.65 13.17 -25.49
CA LYS B 140 5.53 13.44 -24.59
C LYS B 140 4.27 13.86 -25.36
N ALA B 141 4.46 14.74 -26.34
CA ALA B 141 3.36 15.29 -27.12
C ALA B 141 2.58 14.18 -27.81
N ASN B 142 3.29 13.13 -28.22
CA ASN B 142 2.65 11.99 -28.84
C ASN B 142 2.04 10.97 -27.87
N LYS B 143 2.48 10.96 -26.61
CA LYS B 143 1.80 10.20 -25.55
C LYS B 143 0.55 10.98 -25.11
N ILE B 144 0.57 12.29 -25.28
CA ILE B 144 -0.54 13.10 -24.80
C ILE B 144 -1.59 13.28 -25.89
N LYS B 145 -1.14 13.76 -27.04
CA LYS B 145 -1.97 13.97 -28.24
C LYS B 145 -3.04 15.07 -28.11
N SER B 146 -3.70 15.14 -26.96
CA SER B 146 -4.63 16.23 -26.69
C SER B 146 -3.87 17.53 -26.49
N GLU B 147 -4.51 18.64 -26.87
CA GLU B 147 -4.11 19.95 -26.39
C GLU B 147 -4.60 20.03 -24.94
N LYS B 148 -4.73 21.26 -24.45
CA LYS B 148 -5.11 21.56 -23.07
C LYS B 148 -3.88 21.38 -22.16
N THR B 149 -3.36 20.15 -22.06
CA THR B 149 -2.23 19.90 -21.18
C THR B 149 -0.95 20.54 -21.68
N HIS B 150 -0.54 21.60 -20.99
CA HIS B 150 0.68 22.30 -21.33
C HIS B 150 1.84 21.43 -20.97
N ILE B 151 2.92 21.49 -21.76
CA ILE B 151 4.14 20.68 -21.55
C ILE B 151 5.36 21.60 -21.37
N HIS B 152 6.15 21.32 -20.35
CA HIS B 152 7.34 22.10 -20.05
C HIS B 152 8.46 21.14 -19.82
N ILE B 153 9.51 21.23 -20.61
CA ILE B 153 10.57 20.27 -20.55
C ILE B 153 11.84 20.93 -20.07
N PHE B 154 12.57 20.27 -19.18
CA PHE B 154 13.85 20.74 -18.71
C PHE B 154 14.89 19.65 -18.97
N SER B 155 16.09 20.05 -19.33
CA SER B 155 17.25 19.15 -19.44
C SER B 155 18.23 19.42 -18.30
N PHE B 156 19.03 18.41 -17.97
CA PHE B 156 20.14 18.50 -17.02
C PHE B 156 21.24 19.40 -17.51
N THR B 157 21.15 19.76 -18.78
CA THR B 157 22.16 20.57 -19.46
C THR B 157 21.78 22.04 -19.63
N GLY B 158 20.67 22.48 -19.04
CA GLY B 158 20.31 23.90 -19.01
C GLY B 158 19.23 24.37 -19.96
N GLU B 159 18.74 23.48 -20.82
CA GLU B 159 17.83 23.89 -21.89
C GLU B 159 16.46 23.66 -21.35
N GLU B 160 15.50 24.38 -21.92
CA GLU B 160 14.12 24.09 -21.70
C GLU B 160 13.33 24.24 -22.99
N MET B 161 12.12 23.69 -22.97
CA MET B 161 11.10 24.06 -23.92
C MET B 161 9.67 23.81 -23.44
N ALA B 162 8.73 24.55 -23.99
CA ALA B 162 7.37 24.52 -23.52
C ALA B 162 6.42 24.82 -24.67
N THR B 163 5.27 24.16 -24.62
CA THR B 163 4.18 24.43 -25.50
C THR B 163 4.03 25.92 -25.84
N LYS B 164 4.06 26.23 -27.13
CA LYS B 164 3.80 27.59 -27.63
C LYS B 164 4.79 28.62 -27.09
N ALA B 165 6.00 28.13 -26.79
CA ALA B 165 7.01 28.89 -26.05
C ALA B 165 6.43 29.61 -24.83
N ASP B 166 5.40 29.02 -24.22
CA ASP B 166 4.76 29.65 -23.08
C ASP B 166 5.27 28.95 -21.83
N TYR B 167 6.27 29.57 -21.21
CA TYR B 167 6.98 28.96 -20.09
C TYR B 167 6.32 29.18 -18.73
N THR B 168 5.25 29.98 -18.66
CA THR B 168 4.41 30.08 -17.47
C THR B 168 5.08 30.89 -16.35
N LEU B 169 6.20 30.39 -15.84
CA LEU B 169 6.90 31.00 -14.74
C LEU B 169 7.81 32.08 -15.25
N ASP B 170 8.14 33.01 -14.36
CA ASP B 170 9.18 34.01 -14.57
C ASP B 170 10.56 33.40 -14.80
N GLU B 171 11.50 34.22 -15.23
CA GLU B 171 12.78 33.69 -15.66
C GLU B 171 13.63 33.26 -14.47
N GLU B 172 13.57 34.02 -13.37
CA GLU B 172 14.29 33.65 -12.15
C GLU B 172 13.96 32.22 -11.73
N SER B 173 12.67 31.95 -11.56
CA SER B 173 12.17 30.67 -11.09
C SER B 173 12.71 29.58 -11.98
N ARG B 174 12.63 29.81 -13.30
CA ARG B 174 13.16 28.91 -14.28
C ARG B 174 14.67 28.73 -14.20
N ALA B 175 15.40 29.81 -14.02
CA ALA B 175 16.83 29.67 -13.88
C ALA B 175 17.19 28.84 -12.63
N ARG B 176 16.43 29.03 -11.55
CA ARG B 176 16.65 28.29 -10.32
C ARG B 176 16.63 26.78 -10.63
N ILE B 177 15.57 26.34 -11.29
CA ILE B 177 15.44 24.95 -11.67
C ILE B 177 16.62 24.44 -12.51
N LYS B 178 16.95 25.17 -13.58
CA LYS B 178 17.99 24.75 -14.54
C LYS B 178 19.35 24.63 -13.87
N THR B 179 19.70 25.59 -13.03
CA THR B 179 20.90 25.46 -12.23
C THR B 179 20.95 24.21 -11.37
N ARG B 180 19.84 23.95 -10.68
CA ARG B 180 19.74 22.85 -9.79
C ARG B 180 19.95 21.53 -10.53
N LEU B 181 19.30 21.35 -11.67
CA LEU B 181 19.52 20.15 -12.50
C LEU B 181 21.01 20.05 -12.90
N PHE B 182 21.59 21.15 -13.33
CA PHE B 182 22.99 21.14 -13.71
C PHE B 182 23.86 20.75 -12.54
N THR B 183 23.56 21.29 -11.35
CA THR B 183 24.31 20.97 -10.12
C THR B 183 24.22 19.49 -9.80
N ILE B 184 23.01 18.94 -9.87
CA ILE B 184 22.82 17.51 -9.71
C ILE B 184 23.73 16.71 -10.66
N ARG B 185 23.80 17.14 -11.92
CA ARG B 185 24.71 16.52 -12.93
C ARG B 185 26.21 16.64 -12.56
N GLN B 186 26.65 17.83 -12.18
CA GLN B 186 28.02 18.05 -11.79
C GLN B 186 28.38 17.12 -10.65
N GLU B 187 27.58 17.13 -9.59
CA GLU B 187 27.92 16.37 -8.40
C GLU B 187 27.93 14.88 -8.72
N MET B 188 27.04 14.42 -9.60
CA MET B 188 27.06 13.01 -9.95
C MET B 188 28.39 12.66 -10.62
N ALA B 189 28.87 13.59 -11.44
CA ALA B 189 30.06 13.37 -12.26
C ALA B 189 31.26 13.29 -11.35
N SER B 190 31.44 14.27 -10.46
CA SER B 190 32.47 14.20 -9.45
C SER B 190 32.63 12.79 -8.90
N ARG B 191 31.52 12.16 -8.59
CA ARG B 191 31.52 10.91 -7.87
C ARG B 191 31.48 9.79 -8.88
N SER B 192 31.60 10.18 -10.15
CA SER B 192 31.59 9.27 -11.32
C SER B 192 30.41 8.32 -11.24
N LEU B 193 29.27 8.88 -10.86
CA LEU B 193 28.00 8.20 -10.83
C LEU B 193 27.11 8.58 -12.03
N TRP B 194 27.51 9.60 -12.78
CA TRP B 194 26.72 10.18 -13.84
C TRP B 194 26.56 9.32 -15.05
N ASP B 195 27.64 8.78 -15.59
CA ASP B 195 27.55 7.92 -16.81
C ASP B 195 26.57 6.76 -16.69
N SER B 196 26.65 6.00 -15.61
CA SER B 196 25.63 5.00 -15.33
C SER B 196 24.21 5.61 -15.31
N PHE B 197 24.04 6.75 -14.64
CA PHE B 197 22.74 7.42 -14.62
C PHE B 197 22.25 7.70 -16.04
N ARG B 198 23.18 8.11 -16.88
CA ARG B 198 22.89 8.52 -18.26
C ARG B 198 22.52 7.37 -19.19
N GLN B 199 23.17 6.21 -19.00
CA GLN B 199 22.98 5.03 -19.87
C GLN B 199 21.76 4.13 -19.54
N SER B 200 21.04 4.43 -18.45
CA SER B 200 19.97 3.54 -17.96
C SER B 200 18.63 3.75 -18.65
N ALA C 6 22.67 -28.29 -4.62
CA ALA C 6 22.90 -28.65 -3.18
C ALA C 6 21.60 -28.49 -2.32
N MET C 7 20.83 -27.41 -2.52
CA MET C 7 19.55 -27.21 -1.78
C MET C 7 18.48 -28.24 -2.23
N GLU C 8 18.25 -28.32 -3.54
CA GLU C 8 17.62 -29.48 -4.19
C GLU C 8 17.80 -30.74 -3.34
N ASP C 9 19.05 -31.03 -2.99
CA ASP C 9 19.39 -32.27 -2.26
C ASP C 9 19.18 -32.15 -0.75
N PHE C 10 19.53 -30.98 -0.17
CA PHE C 10 19.30 -30.73 1.24
C PHE C 10 17.83 -30.98 1.61
N VAL C 11 16.93 -30.49 0.75
CA VAL C 11 15.50 -30.61 0.99
C VAL C 11 15.11 -32.07 1.05
N ARG C 12 15.56 -32.88 0.11
CA ARG C 12 15.16 -34.29 0.06
C ARG C 12 15.78 -35.11 1.17
N GLN C 13 16.92 -34.65 1.70
CA GLN C 13 17.57 -35.29 2.86
C GLN C 13 17.11 -34.74 4.20
N CYS C 14 16.60 -33.50 4.24
CA CYS C 14 16.21 -32.88 5.49
C CYS C 14 14.78 -33.20 5.83
N PHE C 15 13.91 -33.18 4.82
CA PHE C 15 12.50 -33.37 5.10
C PHE C 15 11.98 -34.68 4.58
N ASN C 16 10.91 -35.09 5.23
CA ASN C 16 10.16 -36.26 4.94
C ASN C 16 9.59 -36.28 3.51
N PRO C 17 9.79 -37.39 2.83
CA PRO C 17 9.33 -37.43 1.45
C PRO C 17 7.83 -37.11 1.26
N MET C 18 7.00 -37.40 2.25
CA MET C 18 5.58 -37.02 2.16
C MET C 18 5.36 -35.49 2.19
N ILE C 19 6.01 -34.83 3.13
CA ILE C 19 6.04 -33.37 3.18
C ILE C 19 6.53 -32.81 1.82
N VAL C 20 7.67 -33.29 1.33
CA VAL C 20 8.26 -32.86 0.05
C VAL C 20 7.23 -32.87 -1.11
N GLU C 21 6.52 -34.00 -1.26
CA GLU C 21 5.46 -34.19 -2.29
C GLU C 21 4.28 -33.25 -2.11
N LEU C 22 3.75 -33.23 -0.88
CA LEU C 22 2.69 -32.31 -0.56
C LEU C 22 3.13 -30.90 -0.93
N ALA C 23 4.37 -30.53 -0.56
CA ALA C 23 4.93 -29.23 -0.95
C ALA C 23 5.09 -29.01 -2.47
N GLU C 24 5.75 -29.95 -3.15
CA GLU C 24 5.94 -29.89 -4.60
C GLU C 24 4.61 -29.62 -5.30
N LYS C 25 3.61 -30.43 -5.00
CA LYS C 25 2.33 -30.36 -5.73
C LYS C 25 1.58 -29.07 -5.38
N ALA C 26 1.74 -28.62 -4.14
CA ALA C 26 1.17 -27.34 -3.69
C ALA C 26 1.83 -26.16 -4.38
N MET C 27 3.14 -26.26 -4.64
CA MET C 27 3.86 -25.21 -5.37
C MET C 27 3.42 -25.18 -6.82
N LYS C 28 3.31 -26.35 -7.43
CA LYS C 28 2.96 -26.40 -8.85
C LYS C 28 1.59 -25.73 -9.02
N GLU C 29 0.63 -26.17 -8.21
CA GLU C 29 -0.76 -25.74 -8.36
C GLU C 29 -0.97 -24.27 -8.01
N TYR C 30 -0.04 -23.68 -7.26
CA TYR C 30 -0.08 -22.23 -7.05
C TYR C 30 0.51 -21.54 -8.27
N GLY C 31 1.51 -22.16 -8.89
CA GLY C 31 2.10 -21.67 -10.14
C GLY C 31 3.56 -21.24 -9.94
N GLU C 32 4.41 -22.19 -9.53
CA GLU C 32 5.81 -21.96 -9.22
C GLU C 32 6.58 -23.25 -9.38
N ASP C 33 7.71 -23.23 -10.09
CA ASP C 33 8.53 -24.44 -10.26
C ASP C 33 9.42 -24.65 -9.01
N PRO C 34 9.33 -25.84 -8.38
CA PRO C 34 10.12 -26.13 -7.16
C PRO C 34 11.59 -26.40 -7.41
N LYS C 35 11.90 -26.92 -8.59
CA LYS C 35 13.27 -27.23 -8.95
C LYS C 35 13.97 -26.01 -9.58
N ILE C 36 13.25 -24.91 -9.80
CA ILE C 36 13.83 -23.64 -10.24
C ILE C 36 13.82 -22.60 -9.11
N GLU C 37 12.83 -22.61 -8.23
CA GLU C 37 12.87 -21.74 -7.03
C GLU C 37 13.15 -22.56 -5.75
N THR C 38 14.37 -23.08 -5.64
CA THR C 38 14.68 -24.07 -4.62
C THR C 38 14.79 -23.55 -3.18
N ASN C 39 15.06 -22.27 -2.96
CA ASN C 39 14.99 -21.76 -1.61
C ASN C 39 13.54 -21.61 -1.20
N LYS C 40 12.67 -21.21 -2.12
CA LYS C 40 11.24 -21.12 -1.78
C LYS C 40 10.65 -22.51 -1.51
N PHE C 41 11.12 -23.51 -2.26
CA PHE C 41 10.63 -24.87 -2.09
C PHE C 41 10.94 -25.25 -0.69
N ALA C 42 12.14 -24.92 -0.24
CA ALA C 42 12.56 -25.27 1.09
C ALA C 42 11.72 -24.50 2.15
N ALA C 43 11.41 -23.26 1.86
CA ALA C 43 10.64 -22.42 2.75
C ALA C 43 9.24 -23.02 2.90
N ILE C 44 8.75 -23.63 1.84
CA ILE C 44 7.42 -24.23 1.85
C ILE C 44 7.36 -25.58 2.60
N CYS C 45 8.44 -26.36 2.53
CA CYS C 45 8.49 -27.62 3.27
C CYS C 45 8.55 -27.31 4.76
N THR C 46 9.38 -26.36 5.13
CA THR C 46 9.46 -25.90 6.51
C THR C 46 8.08 -25.51 7.04
N HIS C 47 7.37 -24.74 6.22
CA HIS C 47 6.10 -24.13 6.63
C HIS C 47 5.04 -25.19 6.84
N LEU C 48 5.00 -26.19 5.96
CA LEU C 48 4.06 -27.32 6.07
C LEU C 48 4.37 -28.12 7.31
N GLU C 49 5.65 -28.41 7.50
CA GLU C 49 6.12 -29.12 8.69
C GLU C 49 5.61 -28.41 9.96
N VAL C 50 5.87 -27.11 10.08
CA VAL C 50 5.45 -26.34 11.25
C VAL C 50 3.94 -26.49 11.47
N CYS C 51 3.17 -26.26 10.42
CA CYS C 51 1.74 -26.51 10.42
C CYS C 51 1.38 -27.87 10.97
N PHE C 52 2.07 -28.93 10.54
CA PHE C 52 1.73 -30.25 11.09
C PHE C 52 2.19 -30.37 12.53
N MET C 53 3.37 -29.82 12.84
CA MET C 53 3.88 -29.91 14.19
C MET C 53 2.94 -29.19 15.10
N TYR C 54 2.25 -28.18 14.56
CA TYR C 54 1.42 -27.34 15.37
C TYR C 54 0.23 -28.18 15.84
N SER C 55 -0.20 -29.15 15.01
CA SER C 55 -1.45 -29.85 15.26
C SER C 55 -1.18 -31.05 16.13
N ASP C 56 0.05 -31.51 16.12
CA ASP C 56 0.47 -32.67 16.88
C ASP C 56 0.08 -32.70 18.34
N PHE C 57 -0.50 -33.83 18.75
CA PHE C 57 -0.78 -34.11 20.16
C PHE C 57 -1.87 -33.24 20.78
N HIS C 58 -2.62 -32.48 20.00
CA HIS C 58 -3.69 -31.66 20.57
C HIS C 58 -5.01 -32.15 20.13
N PHE C 59 -5.83 -32.52 21.07
CA PHE C 59 -7.11 -33.16 20.80
C PHE C 59 -8.22 -32.57 21.64
N ILE C 60 -9.45 -32.91 21.25
CA ILE C 60 -10.63 -32.56 22.00
C ILE C 60 -11.35 -33.83 22.41
N ASP C 61 -11.31 -34.11 23.72
CA ASP C 61 -11.93 -35.30 24.35
C ASP C 61 -13.46 -35.43 24.10
N GLU C 62 -14.04 -36.54 24.56
CA GLU C 62 -15.51 -36.70 24.57
C GLU C 62 -16.18 -35.60 25.41
N ARG C 63 -15.52 -35.16 26.48
CA ARG C 63 -16.03 -34.08 27.35
C ARG C 63 -16.06 -32.74 26.62
N GLY C 64 -15.16 -32.57 25.65
CA GLY C 64 -15.09 -31.36 24.82
C GLY C 64 -14.09 -30.35 25.33
N GLU C 65 -12.98 -30.85 25.88
CA GLU C 65 -11.87 -29.97 26.25
C GLU C 65 -10.58 -30.42 25.60
N SER C 66 -9.63 -29.50 25.60
CA SER C 66 -8.35 -29.70 24.91
C SER C 66 -7.38 -30.37 25.85
N ILE C 67 -6.77 -31.46 25.36
CA ILE C 67 -5.85 -32.28 26.14
C ILE C 67 -4.67 -32.63 25.27
N ILE C 68 -3.48 -32.64 25.84
CA ILE C 68 -2.26 -33.07 25.12
C ILE C 68 -2.09 -34.60 25.28
N VAL C 69 -1.44 -35.24 24.31
CA VAL C 69 -1.44 -36.71 24.24
C VAL C 69 -0.30 -37.27 23.36
N GLU C 70 0.93 -37.27 23.90
CA GLU C 70 2.15 -37.58 23.13
C GLU C 70 2.25 -39.04 22.82
N SER C 71 1.56 -39.83 23.63
CA SER C 71 1.36 -41.25 23.36
C SER C 71 0.80 -41.41 21.94
N GLY C 72 1.49 -42.20 21.11
CA GLY C 72 1.01 -42.50 19.75
C GLY C 72 0.20 -43.78 19.68
N ASP C 73 -0.28 -44.26 20.83
CA ASP C 73 -0.87 -45.61 20.90
C ASP C 73 -2.14 -45.70 20.03
N PRO C 74 -2.36 -46.87 19.40
CA PRO C 74 -3.34 -47.05 18.32
C PRO C 74 -4.83 -47.01 18.70
N ASN C 75 -5.11 -46.97 20.01
CA ASN C 75 -6.48 -46.85 20.52
C ASN C 75 -7.03 -45.45 20.36
N ALA C 76 -6.12 -44.47 20.23
CA ALA C 76 -6.51 -43.06 20.26
C ALA C 76 -7.13 -42.68 18.95
N LEU C 77 -8.43 -42.38 18.97
CA LEU C 77 -9.13 -41.74 17.86
C LEU C 77 -10.01 -40.57 18.35
N LEU C 78 -9.42 -39.62 19.08
CA LEU C 78 -10.16 -38.43 19.50
C LEU C 78 -10.16 -37.38 18.38
N LYS C 79 -11.07 -36.40 18.41
CA LYS C 79 -11.09 -35.40 17.32
C LYS C 79 -9.91 -34.47 17.51
N HIS C 80 -9.29 -34.10 16.40
CA HIS C 80 -8.16 -33.20 16.44
C HIS C 80 -8.61 -31.84 16.90
N ARG C 81 -7.80 -31.18 17.72
CA ARG C 81 -8.09 -29.83 18.10
C ARG C 81 -8.01 -28.90 16.86
N PHE C 82 -7.12 -29.22 15.93
CA PHE C 82 -6.87 -28.38 14.78
C PHE C 82 -7.12 -29.11 13.48
N GLU C 83 -7.69 -28.38 12.52
CA GLU C 83 -7.73 -28.84 11.13
C GLU C 83 -6.55 -28.15 10.46
N ILE C 84 -5.85 -28.88 9.57
CA ILE C 84 -4.78 -28.31 8.75
C ILE C 84 -5.40 -27.95 7.43
N ILE C 85 -5.42 -26.68 7.13
CA ILE C 85 -5.89 -26.32 5.83
C ILE C 85 -4.77 -26.37 4.83
N GLU C 86 -3.56 -26.00 5.23
CA GLU C 86 -2.41 -25.89 4.32
C GLU C 86 -2.00 -27.28 3.84
N GLY C 87 -1.39 -27.33 2.68
CA GLY C 87 -0.95 -28.59 2.09
C GLY C 87 -1.98 -29.28 1.23
N ARG C 88 -3.22 -28.86 1.33
CA ARG C 88 -4.25 -29.28 0.41
C ARG C 88 -4.34 -28.35 -0.80
N ASP C 89 -4.96 -28.83 -1.87
CA ASP C 89 -5.18 -27.99 -3.05
C ASP C 89 -6.38 -27.10 -2.76
N ARG C 90 -6.66 -26.15 -3.64
CA ARG C 90 -7.71 -25.18 -3.36
C ARG C 90 -9.05 -25.79 -3.20
N ILE C 91 -9.33 -26.75 -4.05
CA ILE C 91 -10.64 -27.33 -4.08
C ILE C 91 -10.90 -27.99 -2.74
N MET C 92 -9.90 -28.71 -2.21
CA MET C 92 -10.03 -29.37 -0.92
C MET C 92 -9.95 -28.41 0.26
N ALA C 93 -9.08 -27.40 0.14
CA ALA C 93 -9.00 -26.40 1.17
C ALA C 93 -10.35 -25.71 1.46
N TRP C 94 -10.98 -25.20 0.42
CA TRP C 94 -12.28 -24.54 0.58
C TRP C 94 -13.38 -25.53 0.87
N THR C 95 -13.22 -26.76 0.40
CA THR C 95 -14.17 -27.78 0.82
C THR C 95 -14.09 -27.88 2.37
N VAL C 96 -12.88 -27.90 2.90
CA VAL C 96 -12.71 -28.07 4.34
C VAL C 96 -13.12 -26.79 5.00
N VAL C 97 -12.80 -25.66 4.37
CA VAL C 97 -13.15 -24.42 5.01
C VAL C 97 -14.68 -24.23 5.06
N ASN C 98 -15.36 -24.47 3.94
CA ASN C 98 -16.82 -24.34 3.91
C ASN C 98 -17.42 -25.16 5.02
N SER C 99 -16.96 -26.40 5.10
CA SER C 99 -17.38 -27.33 6.14
C SER C 99 -17.25 -26.84 7.60
N ILE C 100 -16.09 -26.29 7.96
CA ILE C 100 -15.87 -25.76 9.32
C ILE C 100 -16.82 -24.59 9.65
N CYS C 101 -17.05 -23.74 8.67
CA CYS C 101 -17.89 -22.58 8.92
C CYS C 101 -19.32 -23.00 9.18
N ASN C 102 -19.69 -24.05 8.47
CA ASN C 102 -20.96 -24.71 8.60
C ASN C 102 -21.17 -25.37 9.91
N THR C 103 -20.11 -25.98 10.43
CA THR C 103 -20.21 -26.79 11.62
C THR C 103 -20.10 -25.94 12.84
N THR C 104 -19.40 -24.83 12.74
CA THR C 104 -19.11 -24.00 13.93
C THR C 104 -19.76 -22.64 13.87
N GLY C 105 -20.27 -22.23 12.73
CA GLY C 105 -20.78 -20.86 12.61
C GLY C 105 -19.76 -19.72 12.61
N VAL C 106 -18.46 -20.01 12.66
CA VAL C 106 -17.42 -18.99 12.51
C VAL C 106 -17.51 -18.24 11.15
N GLU C 107 -17.08 -16.99 11.14
CA GLU C 107 -17.07 -16.17 9.95
C GLU C 107 -16.15 -16.82 8.88
N LYS C 108 -16.59 -16.87 7.63
CA LYS C 108 -15.76 -17.44 6.56
C LYS C 108 -14.65 -16.48 6.15
N PRO C 109 -13.38 -16.91 6.24
CA PRO C 109 -12.30 -16.05 5.77
C PRO C 109 -12.36 -15.86 4.25
N LYS C 110 -11.69 -14.83 3.74
CA LYS C 110 -11.74 -14.42 2.33
C LYS C 110 -10.48 -14.83 1.60
N PHE C 111 -9.62 -15.58 2.30
CA PHE C 111 -8.38 -16.14 1.76
C PHE C 111 -8.24 -17.47 2.49
N LEU C 112 -7.36 -18.37 2.03
CA LEU C 112 -7.15 -19.64 2.72
C LEU C 112 -6.15 -19.50 3.86
N PRO C 113 -6.59 -19.74 5.11
CA PRO C 113 -5.65 -19.73 6.22
C PRO C 113 -4.81 -20.99 6.27
N ASP C 114 -4.12 -21.20 7.39
CA ASP C 114 -3.35 -22.41 7.55
C ASP C 114 -4.00 -23.48 8.43
N LEU C 115 -4.72 -23.05 9.47
CA LEU C 115 -5.23 -23.95 10.52
C LEU C 115 -6.54 -23.41 11.03
N TYR C 116 -7.40 -24.31 11.54
CA TYR C 116 -8.53 -23.91 12.37
C TYR C 116 -8.42 -24.54 13.74
N ASP C 117 -8.67 -23.75 14.76
CA ASP C 117 -8.59 -24.19 16.13
C ASP C 117 -10.01 -24.37 16.67
N TYR C 118 -10.43 -25.61 16.79
CA TYR C 118 -11.76 -25.92 17.34
C TYR C 118 -11.97 -25.52 18.78
N LYS C 119 -10.90 -25.27 19.52
CA LYS C 119 -11.07 -24.86 20.91
C LYS C 119 -11.32 -23.36 20.98
N GLU C 120 -10.50 -22.56 20.32
CA GLU C 120 -10.67 -21.11 20.34
C GLU C 120 -11.64 -20.60 19.29
N ASN C 121 -12.07 -21.45 18.37
CA ASN C 121 -12.98 -21.04 17.29
C ASN C 121 -12.51 -19.89 16.41
N ARG C 122 -11.32 -20.10 15.84
CA ARG C 122 -10.71 -19.15 14.92
C ARG C 122 -9.72 -19.87 14.03
N PHE C 123 -9.56 -19.32 12.82
CA PHE C 123 -8.56 -19.80 11.89
C PHE C 123 -7.23 -19.20 12.30
N ILE C 124 -6.15 -19.92 12.03
CA ILE C 124 -4.81 -19.40 12.29
C ILE C 124 -4.03 -19.33 10.99
N GLU C 125 -3.22 -18.29 10.89
CA GLU C 125 -2.29 -18.12 9.76
C GLU C 125 -0.89 -18.24 10.31
N ILE C 126 -0.15 -19.21 9.81
CA ILE C 126 1.19 -19.45 10.30
C ILE C 126 2.23 -18.71 9.46
N GLY C 127 3.21 -18.14 10.15
CA GLY C 127 4.36 -17.52 9.52
C GLY C 127 5.64 -18.15 10.03
N VAL C 128 6.57 -18.36 9.09
CA VAL C 128 7.94 -18.78 9.35
C VAL C 128 8.89 -17.87 8.55
N THR C 129 9.82 -17.21 9.25
CA THR C 129 10.67 -16.17 8.67
C THR C 129 12.16 -16.39 9.02
N ARG C 130 13.03 -16.09 8.07
CA ARG C 130 14.48 -16.05 8.27
C ARG C 130 14.93 -14.66 8.61
N ARG C 131 14.05 -13.68 8.38
CA ARG C 131 14.26 -12.32 8.84
C ARG C 131 13.68 -12.23 10.23
N GLU C 132 13.58 -11.03 10.76
CA GLU C 132 13.02 -10.86 12.10
C GLU C 132 11.49 -10.83 12.06
N VAL C 133 10.91 -11.05 13.24
CA VAL C 133 9.58 -11.56 13.38
C VAL C 133 8.46 -10.49 13.43
N HIS C 134 8.79 -9.31 13.89
CA HIS C 134 7.83 -8.19 13.97
C HIS C 134 7.41 -7.76 12.59
N ILE C 135 8.37 -7.60 11.70
CA ILE C 135 8.08 -7.15 10.33
C ILE C 135 7.25 -8.17 9.58
N TYR C 136 7.61 -9.45 9.69
CA TYR C 136 6.87 -10.52 9.04
C TYR C 136 5.41 -10.49 9.50
N TYR C 137 5.19 -10.32 10.79
CA TYR C 137 3.86 -10.22 11.34
C TYR C 137 3.08 -9.13 10.63
N LEU C 138 3.57 -7.89 10.73
CA LEU C 138 2.94 -6.77 10.07
C LEU C 138 2.71 -7.02 8.58
N GLU C 139 3.64 -7.66 7.88
CA GLU C 139 3.37 -8.02 6.50
C GLU C 139 2.17 -8.98 6.31
N LYS C 140 2.18 -10.09 7.02
CA LYS C 140 1.04 -10.97 6.97
C LYS C 140 -0.19 -10.17 7.36
N ALA C 141 -0.12 -9.34 8.40
CA ALA C 141 -1.31 -8.62 8.85
C ALA C 141 -1.85 -7.78 7.70
N ASN C 142 -0.95 -7.16 6.97
CA ASN C 142 -1.34 -6.31 5.87
C ASN C 142 -1.89 -7.12 4.71
N LYS C 143 -1.24 -8.20 4.32
CA LYS C 143 -1.75 -9.00 3.22
C LYS C 143 -3.13 -9.58 3.56
N ILE C 144 -3.30 -9.98 4.81
CA ILE C 144 -4.49 -10.68 5.25
C ILE C 144 -5.64 -9.74 5.42
N LYS C 145 -5.53 -8.77 6.30
CA LYS C 145 -6.59 -7.77 6.48
C LYS C 145 -7.77 -8.33 7.30
N SER C 146 -8.00 -9.65 7.19
CA SER C 146 -8.89 -10.37 8.11
C SER C 146 -8.31 -10.20 9.51
N GLU C 147 -8.76 -9.16 10.23
CA GLU C 147 -8.38 -8.95 11.64
C GLU C 147 -9.00 -10.04 12.56
N LYS C 148 -9.72 -10.97 11.94
CA LYS C 148 -10.49 -12.01 12.60
C LYS C 148 -9.72 -13.36 12.61
N THR C 149 -8.68 -13.47 11.77
CA THR C 149 -7.84 -14.65 11.71
C THR C 149 -6.65 -14.44 12.63
N HIS C 150 -6.33 -15.42 13.49
CA HIS C 150 -5.20 -15.28 14.42
C HIS C 150 -3.90 -15.51 13.65
N ILE C 151 -2.90 -14.67 13.92
CA ILE C 151 -1.61 -14.77 13.24
C ILE C 151 -0.52 -15.18 14.24
N HIS C 152 0.23 -16.21 13.90
CA HIS C 152 1.29 -16.68 14.77
C HIS C 152 2.52 -16.94 13.93
N ILE C 153 3.57 -16.14 14.17
CA ILE C 153 4.81 -16.14 13.40
C ILE C 153 5.92 -16.75 14.22
N PHE C 154 6.76 -17.55 13.56
CA PHE C 154 7.95 -18.12 14.16
C PHE C 154 9.16 -17.77 13.33
N SER C 155 10.31 -17.74 13.99
CA SER C 155 11.57 -17.48 13.33
C SER C 155 12.42 -18.70 13.53
N PHE C 156 13.48 -18.82 12.74
CA PHE C 156 14.46 -19.89 12.90
C PHE C 156 15.37 -19.60 14.09
N THR C 157 15.51 -18.32 14.44
CA THR C 157 16.38 -17.94 15.54
C THR C 157 15.63 -18.13 16.84
N GLY C 158 14.38 -18.60 16.80
CA GLY C 158 13.66 -18.87 18.05
C GLY C 158 12.66 -17.82 18.52
N GLU C 159 12.60 -16.69 17.82
CA GLU C 159 11.58 -15.67 18.08
C GLU C 159 10.22 -16.23 17.75
N GLU C 160 9.20 -15.60 18.30
CA GLU C 160 7.84 -15.81 17.85
C GLU C 160 7.01 -14.58 18.18
N MET C 161 5.94 -14.36 17.42
CA MET C 161 5.05 -13.24 17.68
C MET C 161 3.66 -13.53 17.19
N ALA C 162 2.67 -13.28 18.04
CA ALA C 162 1.29 -13.67 17.74
C ALA C 162 0.26 -12.63 18.19
N THR C 163 -0.82 -12.52 17.41
CA THR C 163 -1.94 -11.64 17.74
C THR C 163 -2.22 -11.62 19.25
N LYS C 164 -2.19 -10.40 19.81
CA LYS C 164 -2.40 -10.16 21.24
C LYS C 164 -1.42 -10.92 22.13
N ALA C 165 -0.25 -11.22 21.60
CA ALA C 165 0.71 -11.97 22.38
C ALA C 165 0.07 -13.28 22.94
N ASP C 166 -0.90 -13.82 22.23
CA ASP C 166 -1.61 -15.04 22.61
C ASP C 166 -1.13 -16.14 21.68
N TYR C 167 -0.34 -17.03 22.21
CA TYR C 167 0.37 -18.00 21.36
C TYR C 167 -0.42 -19.27 21.24
N THR C 168 -1.69 -19.26 21.65
CA THR C 168 -2.50 -20.44 21.55
C THR C 168 -1.94 -21.65 22.33
N LEU C 169 -0.75 -22.11 21.98
CA LEU C 169 -0.20 -23.36 22.55
C LEU C 169 0.62 -23.13 23.81
N ASP C 170 0.69 -24.16 24.64
CA ASP C 170 1.61 -24.22 25.77
C ASP C 170 3.06 -24.06 25.30
N GLU C 171 3.90 -23.67 26.26
CA GLU C 171 5.28 -23.42 25.97
C GLU C 171 6.03 -24.61 25.34
N GLU C 172 5.71 -25.83 25.75
CA GLU C 172 6.51 -26.99 25.35
C GLU C 172 6.21 -27.36 23.89
N SER C 173 4.95 -27.23 23.49
CA SER C 173 4.58 -27.43 22.10
C SER C 173 5.36 -26.49 21.20
N ARG C 174 5.40 -25.22 21.57
CA ARG C 174 6.11 -24.25 20.76
C ARG C 174 7.60 -24.53 20.79
N ALA C 175 8.08 -24.97 21.95
CA ALA C 175 9.44 -25.42 22.17
C ALA C 175 9.87 -26.47 21.15
N ARG C 176 9.00 -27.43 20.96
CA ARG C 176 9.24 -28.47 20.00
C ARG C 176 9.38 -27.86 18.61
N ILE C 177 8.40 -27.04 18.21
CA ILE C 177 8.50 -26.32 16.96
C ILE C 177 9.85 -25.54 16.83
N LYS C 178 10.18 -24.70 17.81
CA LYS C 178 11.41 -23.91 17.72
C LYS C 178 12.64 -24.82 17.63
N THR C 179 12.71 -25.87 18.45
CA THR C 179 13.81 -26.84 18.34
C THR C 179 13.98 -27.34 16.91
N ARG C 180 12.86 -27.58 16.25
CA ARG C 180 12.93 -28.13 14.92
C ARG C 180 13.54 -27.15 13.90
N LEU C 181 13.14 -25.89 13.97
CA LEU C 181 13.65 -24.87 13.07
C LEU C 181 15.11 -24.54 13.42
N PHE C 182 15.45 -24.52 14.71
CA PHE C 182 16.86 -24.37 15.09
C PHE C 182 17.80 -25.37 14.38
N THR C 183 17.35 -26.63 14.25
CA THR C 183 18.12 -27.70 13.59
C THR C 183 18.27 -27.47 12.10
N ILE C 184 17.15 -27.07 11.49
CA ILE C 184 17.13 -26.80 10.08
C ILE C 184 18.17 -25.74 9.77
N ARG C 185 18.21 -24.70 10.59
CA ARG C 185 19.11 -23.60 10.36
C ARG C 185 20.52 -24.11 10.46
N GLN C 186 20.83 -24.77 11.58
CA GLN C 186 22.18 -25.29 11.77
C GLN C 186 22.56 -26.23 10.62
N GLU C 187 21.69 -27.19 10.27
CA GLU C 187 22.03 -28.15 9.22
C GLU C 187 22.28 -27.41 7.90
N MET C 188 21.52 -26.35 7.66
CA MET C 188 21.73 -25.51 6.49
C MET C 188 23.06 -24.79 6.53
N ALA C 189 23.45 -24.31 7.70
CA ALA C 189 24.68 -23.51 7.82
C ALA C 189 25.92 -24.39 7.67
N SER C 190 25.86 -25.62 8.19
CA SER C 190 26.99 -26.52 8.08
C SER C 190 27.29 -26.79 6.59
N ARG C 191 26.25 -27.01 5.78
CA ARG C 191 26.40 -27.15 4.30
C ARG C 191 26.50 -25.79 3.53
N SER C 192 26.70 -24.70 4.29
CA SER C 192 26.65 -23.30 3.82
C SER C 192 25.60 -22.96 2.77
N LEU C 193 24.39 -23.49 2.98
CA LEU C 193 23.23 -23.04 2.27
C LEU C 193 22.48 -21.96 3.10
N TRP C 194 22.94 -21.63 4.30
CA TRP C 194 22.16 -20.70 5.12
C TRP C 194 22.04 -19.31 4.52
N ASP C 195 23.15 -18.72 4.11
CA ASP C 195 23.18 -17.30 3.73
C ASP C 195 22.35 -16.98 2.49
N SER C 196 22.38 -17.86 1.49
CA SER C 196 21.52 -17.72 0.31
C SER C 196 20.03 -17.85 0.70
N PHE C 197 19.72 -18.90 1.48
CA PHE C 197 18.37 -19.15 1.96
C PHE C 197 17.84 -17.99 2.79
N ARG C 198 18.66 -17.47 3.71
CA ARG C 198 18.27 -16.27 4.51
C ARG C 198 18.14 -15.02 3.63
N GLN C 199 19.16 -14.71 2.84
CA GLN C 199 19.15 -13.46 2.06
C GLN C 199 18.26 -13.50 0.80
N SER C 200 17.40 -14.51 0.68
CA SER C 200 16.47 -14.58 -0.44
C SER C 200 15.00 -14.62 -0.03
N GLU C 201 14.63 -14.18 1.17
CA GLU C 201 13.21 -14.19 1.58
C GLU C 201 12.37 -13.21 0.73
N ALA D 6 -37.90 -1.66 0.38
CA ALA D 6 -38.30 -1.27 -0.99
C ALA D 6 -37.25 -1.76 -2.01
N MET D 7 -35.96 -1.62 -1.70
CA MET D 7 -34.91 -1.95 -2.68
C MET D 7 -34.95 -3.40 -3.06
N GLU D 8 -35.16 -4.24 -2.06
CA GLU D 8 -35.19 -5.69 -2.27
C GLU D 8 -36.47 -6.10 -2.96
N ASP D 9 -37.47 -5.21 -2.93
CA ASP D 9 -38.70 -5.45 -3.66
C ASP D 9 -38.43 -5.23 -5.14
N PHE D 10 -37.82 -4.10 -5.43
CA PHE D 10 -37.37 -3.78 -6.78
C PHE D 10 -36.52 -4.93 -7.34
N VAL D 11 -35.48 -5.30 -6.60
CA VAL D 11 -34.56 -6.35 -7.07
C VAL D 11 -35.31 -7.60 -7.53
N ARG D 12 -36.14 -8.13 -6.64
CA ARG D 12 -36.93 -9.32 -6.94
C ARG D 12 -37.92 -9.18 -8.07
N GLN D 13 -38.52 -8.02 -8.21
CA GLN D 13 -39.61 -7.87 -9.16
C GLN D 13 -39.08 -7.57 -10.58
N CYS D 14 -37.93 -6.88 -10.66
CA CYS D 14 -37.37 -6.35 -11.94
C CYS D 14 -36.18 -7.14 -12.60
N PHE D 15 -35.30 -7.72 -11.79
CA PHE D 15 -34.23 -8.59 -12.29
C PHE D 15 -34.70 -9.99 -12.59
N ASN D 16 -34.01 -10.68 -13.49
CA ASN D 16 -34.27 -12.11 -13.74
C ASN D 16 -34.20 -12.93 -12.44
N PRO D 17 -35.26 -13.66 -12.10
CA PRO D 17 -35.26 -14.48 -10.88
C PRO D 17 -34.07 -15.42 -10.70
N MET D 18 -33.49 -15.94 -11.79
CA MET D 18 -32.30 -16.76 -11.63
C MET D 18 -31.13 -15.89 -11.17
N ILE D 19 -30.98 -14.71 -11.73
CA ILE D 19 -29.97 -13.78 -11.21
C ILE D 19 -30.19 -13.56 -9.69
N VAL D 20 -31.41 -13.30 -9.29
CA VAL D 20 -31.68 -12.99 -7.89
C VAL D 20 -31.33 -14.19 -6.97
N GLU D 21 -31.78 -15.39 -7.35
CA GLU D 21 -31.43 -16.59 -6.60
C GLU D 21 -29.91 -16.82 -6.57
N LEU D 22 -29.24 -16.68 -7.70
CA LEU D 22 -27.81 -16.85 -7.69
C LEU D 22 -27.18 -15.82 -6.75
N ALA D 23 -27.71 -14.60 -6.70
CA ALA D 23 -27.14 -13.57 -5.84
C ALA D 23 -27.29 -13.99 -4.38
N GLU D 24 -28.50 -14.41 -4.01
CA GLU D 24 -28.75 -14.94 -2.65
C GLU D 24 -27.74 -16.00 -2.23
N LYS D 25 -27.46 -16.90 -3.15
CA LYS D 25 -26.58 -18.01 -2.90
C LYS D 25 -25.11 -17.51 -2.75
N ALA D 26 -24.70 -16.51 -3.53
CA ALA D 26 -23.35 -15.90 -3.34
C ALA D 26 -23.28 -15.25 -1.99
N MET D 27 -24.30 -14.49 -1.62
CA MET D 27 -24.20 -13.72 -0.39
C MET D 27 -24.15 -14.65 0.84
N LYS D 28 -24.97 -15.69 0.79
CA LYS D 28 -24.89 -16.71 1.82
C LYS D 28 -23.46 -17.29 1.88
N GLU D 29 -22.81 -17.50 0.74
CA GLU D 29 -21.51 -18.17 0.72
C GLU D 29 -20.41 -17.30 1.31
N TYR D 30 -20.46 -16.00 0.99
CA TYR D 30 -19.53 -15.01 1.53
C TYR D 30 -19.83 -14.75 3.01
N GLY D 31 -21.09 -14.84 3.39
CA GLY D 31 -21.47 -14.76 4.81
C GLY D 31 -22.15 -13.44 5.04
N GLU D 32 -23.02 -13.06 4.11
CA GLU D 32 -23.69 -11.79 4.16
C GLU D 32 -25.14 -12.01 3.80
N ASP D 33 -25.97 -11.10 4.26
CA ASP D 33 -27.42 -11.33 4.31
C ASP D 33 -28.16 -10.36 3.40
N PRO D 34 -28.74 -10.88 2.29
CA PRO D 34 -29.51 -10.08 1.28
C PRO D 34 -30.61 -9.19 1.89
N LYS D 35 -31.09 -9.57 3.06
CA LYS D 35 -32.14 -8.85 3.75
C LYS D 35 -31.60 -7.57 4.37
N ILE D 36 -30.31 -7.57 4.73
CA ILE D 36 -29.70 -6.46 5.46
C ILE D 36 -28.96 -5.55 4.48
N GLU D 37 -27.96 -6.05 3.74
CA GLU D 37 -27.28 -5.20 2.76
C GLU D 37 -27.92 -5.33 1.39
N THR D 38 -28.98 -4.57 1.22
CA THR D 38 -29.88 -4.71 0.10
C THR D 38 -29.38 -3.96 -1.14
N ASN D 39 -28.61 -2.88 -0.96
CA ASN D 39 -27.95 -2.25 -2.09
C ASN D 39 -26.80 -3.09 -2.61
N LYS D 40 -26.03 -3.68 -1.70
CA LYS D 40 -25.04 -4.65 -2.11
C LYS D 40 -25.70 -5.78 -2.94
N PHE D 41 -26.83 -6.26 -2.45
CA PHE D 41 -27.62 -7.31 -3.11
C PHE D 41 -27.92 -6.93 -4.53
N ALA D 42 -28.40 -5.70 -4.70
CA ALA D 42 -28.76 -5.16 -6.02
C ALA D 42 -27.54 -5.06 -6.93
N ALA D 43 -26.39 -4.89 -6.31
CA ALA D 43 -25.14 -4.67 -7.01
C ALA D 43 -24.55 -6.01 -7.51
N ILE D 44 -24.61 -7.05 -6.65
CA ILE D 44 -24.21 -8.41 -7.07
C ILE D 44 -25.08 -8.79 -8.29
N CYS D 45 -26.39 -8.56 -8.17
CA CYS D 45 -27.34 -8.80 -9.26
C CYS D 45 -26.96 -8.10 -10.54
N THR D 46 -26.74 -6.81 -10.45
CA THR D 46 -26.31 -6.03 -11.62
C THR D 46 -25.01 -6.58 -12.20
N HIS D 47 -24.06 -6.83 -11.33
CA HIS D 47 -22.77 -7.33 -11.76
C HIS D 47 -22.90 -8.65 -12.53
N LEU D 48 -23.70 -9.55 -11.96
CA LEU D 48 -23.91 -10.85 -12.52
C LEU D 48 -24.53 -10.69 -13.91
N GLU D 49 -25.60 -9.90 -13.96
CA GLU D 49 -26.27 -9.65 -15.22
C GLU D 49 -25.29 -9.25 -16.34
N VAL D 50 -24.38 -8.35 -16.04
CA VAL D 50 -23.39 -7.89 -16.99
C VAL D 50 -22.47 -9.02 -17.42
N CYS D 51 -22.00 -9.75 -16.44
CA CYS D 51 -21.21 -10.92 -16.72
C CYS D 51 -21.95 -11.86 -17.69
N PHE D 52 -23.25 -12.10 -17.47
CA PHE D 52 -24.01 -12.99 -18.39
C PHE D 52 -24.21 -12.37 -19.74
N MET D 53 -24.43 -11.06 -19.78
CA MET D 53 -24.62 -10.41 -21.09
C MET D 53 -23.29 -10.38 -21.85
N TYR D 54 -22.20 -10.14 -21.14
CA TYR D 54 -20.91 -10.04 -21.78
C TYR D 54 -20.56 -11.32 -22.57
N SER D 55 -20.95 -12.47 -22.01
CA SER D 55 -20.54 -13.79 -22.48
C SER D 55 -21.60 -14.54 -23.25
N ASP D 56 -22.76 -13.93 -23.45
CA ASP D 56 -23.86 -14.63 -24.09
C ASP D 56 -24.25 -15.86 -23.26
N PHE D 57 -24.68 -15.67 -22.02
CA PHE D 57 -25.11 -16.80 -21.19
C PHE D 57 -26.52 -17.24 -21.56
N LEU D 78 -20.89 -25.01 -32.36
CA LEU D 78 -19.52 -25.20 -31.93
C LEU D 78 -19.16 -24.21 -30.77
N LYS D 79 -17.89 -23.82 -30.61
CA LYS D 79 -17.38 -23.32 -29.30
C LYS D 79 -17.86 -21.95 -28.76
N HIS D 80 -18.22 -21.97 -27.47
CA HIS D 80 -18.41 -20.79 -26.64
C HIS D 80 -17.13 -20.01 -26.51
N ARG D 81 -17.20 -18.69 -26.69
CA ARG D 81 -16.03 -17.82 -26.63
C ARG D 81 -15.54 -17.50 -25.21
N PHE D 82 -16.48 -17.43 -24.28
CA PHE D 82 -16.17 -17.12 -22.91
C PHE D 82 -16.61 -18.25 -21.99
N GLU D 83 -15.79 -18.46 -21.00
CA GLU D 83 -16.19 -19.24 -19.86
C GLU D 83 -16.61 -18.29 -18.78
N ILE D 84 -17.78 -18.56 -18.23
CA ILE D 84 -18.24 -17.81 -17.07
C ILE D 84 -17.76 -18.43 -15.75
N ILE D 85 -17.11 -17.60 -14.94
CA ILE D 85 -16.59 -17.95 -13.62
C ILE D 85 -17.43 -17.32 -12.51
N GLU D 86 -17.82 -16.04 -12.66
CA GLU D 86 -18.66 -15.41 -11.67
C GLU D 86 -20.00 -16.13 -11.57
N GLY D 87 -20.59 -16.12 -10.37
CA GLY D 87 -21.88 -16.81 -10.15
C GLY D 87 -21.76 -18.26 -9.69
N ARG D 88 -20.63 -18.92 -9.94
CA ARG D 88 -20.36 -20.22 -9.36
C ARG D 88 -19.93 -20.01 -7.92
N ASP D 89 -19.92 -21.11 -7.14
CA ASP D 89 -19.37 -21.09 -5.78
C ASP D 89 -17.86 -21.26 -5.85
N ARG D 90 -17.16 -21.12 -4.73
CA ARG D 90 -15.69 -21.15 -4.77
C ARG D 90 -15.16 -22.46 -5.31
N ILE D 91 -15.75 -23.61 -4.91
CA ILE D 91 -15.31 -24.93 -5.39
C ILE D 91 -15.31 -24.93 -6.92
N MET D 92 -16.45 -24.59 -7.49
CA MET D 92 -16.63 -24.77 -8.93
C MET D 92 -15.83 -23.75 -9.69
N ALA D 93 -15.70 -22.60 -9.09
CA ALA D 93 -14.97 -21.53 -9.69
C ALA D 93 -13.52 -21.89 -9.76
N TRP D 94 -12.97 -22.47 -8.70
CA TRP D 94 -11.60 -22.95 -8.75
C TRP D 94 -11.40 -24.19 -9.61
N THR D 95 -12.41 -25.06 -9.63
CA THR D 95 -12.41 -26.17 -10.56
C THR D 95 -12.28 -25.65 -11.99
N VAL D 96 -13.17 -24.74 -12.40
CA VAL D 96 -13.10 -24.23 -13.78
C VAL D 96 -11.82 -23.46 -14.12
N VAL D 97 -11.33 -22.62 -13.20
CA VAL D 97 -10.09 -21.90 -13.45
C VAL D 97 -8.92 -22.87 -13.53
N ASN D 98 -8.94 -23.93 -12.72
CA ASN D 98 -7.84 -24.90 -12.78
C ASN D 98 -7.82 -25.62 -14.14
N SER D 99 -9.00 -25.94 -14.62
CA SER D 99 -9.12 -26.69 -15.85
C SER D 99 -8.71 -25.84 -17.07
N ILE D 100 -9.15 -24.60 -17.14
CA ILE D 100 -8.67 -23.70 -18.18
C ILE D 100 -7.15 -23.51 -18.15
N CYS D 101 -6.59 -23.42 -16.95
CA CYS D 101 -5.16 -23.13 -16.83
C CYS D 101 -4.33 -24.31 -17.31
N ASN D 102 -4.74 -25.52 -16.94
CA ASN D 102 -4.02 -26.75 -17.31
C ASN D 102 -4.12 -27.03 -18.80
N THR D 103 -5.21 -26.56 -19.39
CA THR D 103 -5.52 -26.79 -20.79
C THR D 103 -4.85 -25.78 -21.71
N THR D 104 -4.92 -24.49 -21.37
CA THR D 104 -4.40 -23.44 -22.23
C THR D 104 -2.98 -23.10 -21.87
N GLY D 105 -2.55 -23.38 -20.64
CA GLY D 105 -1.20 -23.07 -20.21
C GLY D 105 -1.07 -21.64 -19.76
N VAL D 106 -2.18 -20.90 -19.66
CA VAL D 106 -2.14 -19.56 -19.05
C VAL D 106 -1.88 -19.64 -17.56
N GLU D 107 -1.01 -18.75 -17.09
CA GLU D 107 -0.76 -18.52 -15.68
C GLU D 107 -2.03 -18.53 -14.83
N LYS D 108 -1.95 -19.08 -13.64
CA LYS D 108 -3.14 -19.13 -12.78
C LYS D 108 -3.24 -17.80 -12.07
N PRO D 109 -4.42 -17.16 -12.14
CA PRO D 109 -4.60 -15.93 -11.39
C PRO D 109 -4.68 -16.29 -9.93
N LYS D 110 -4.44 -15.31 -9.04
CA LYS D 110 -4.39 -15.57 -7.59
C LYS D 110 -5.69 -15.10 -6.88
N PHE D 111 -6.67 -14.73 -7.68
CA PHE D 111 -8.00 -14.40 -7.19
C PHE D 111 -8.95 -15.01 -8.22
N LEU D 112 -10.22 -15.17 -7.90
CA LEU D 112 -11.18 -15.57 -8.96
C LEU D 112 -11.65 -14.41 -9.83
N PRO D 113 -11.32 -14.40 -11.15
CA PRO D 113 -11.91 -13.50 -12.17
C PRO D 113 -13.38 -13.74 -12.45
N ASP D 114 -13.93 -12.98 -13.37
CA ASP D 114 -15.32 -13.18 -13.74
C ASP D 114 -15.52 -14.06 -14.96
N LEU D 115 -14.65 -13.91 -15.98
CA LEU D 115 -14.74 -14.59 -17.25
C LEU D 115 -13.36 -15.04 -17.76
N TYR D 116 -13.31 -16.12 -18.57
CA TYR D 116 -12.16 -16.45 -19.39
C TYR D 116 -12.52 -16.31 -20.89
N ASP D 117 -11.66 -15.62 -21.63
CA ASP D 117 -11.83 -15.40 -23.08
C ASP D 117 -10.96 -16.35 -23.88
N TYR D 118 -11.56 -17.24 -24.65
CA TYR D 118 -10.79 -18.23 -25.41
C TYR D 118 -10.12 -17.66 -26.67
N LYS D 119 -10.68 -16.62 -27.27
CA LYS D 119 -10.09 -16.04 -28.48
C LYS D 119 -8.76 -15.36 -28.15
N GLU D 120 -8.75 -14.57 -27.08
CA GLU D 120 -7.62 -13.73 -26.69
C GLU D 120 -6.74 -14.42 -25.65
N ASN D 121 -7.21 -15.56 -25.17
CA ASN D 121 -6.59 -16.38 -24.14
C ASN D 121 -6.13 -15.67 -22.88
N ARG D 122 -7.08 -14.99 -22.26
CA ARG D 122 -6.80 -14.28 -21.01
C ARG D 122 -8.08 -14.23 -20.16
N PHE D 123 -7.94 -14.15 -18.85
CA PHE D 123 -9.08 -13.91 -18.00
C PHE D 123 -9.49 -12.44 -18.04
N ILE D 124 -10.75 -12.22 -17.65
CA ILE D 124 -11.32 -10.87 -17.55
C ILE D 124 -11.90 -10.63 -16.18
N GLU D 125 -11.53 -9.49 -15.60
CA GLU D 125 -12.25 -8.96 -14.43
C GLU D 125 -13.13 -7.82 -14.89
N ILE D 126 -14.44 -8.00 -14.67
CA ILE D 126 -15.49 -7.02 -14.98
C ILE D 126 -15.75 -6.18 -13.77
N GLY D 127 -15.97 -4.88 -13.96
CA GLY D 127 -16.41 -3.99 -12.88
C GLY D 127 -17.59 -3.12 -13.26
N VAL D 128 -18.50 -2.88 -12.30
CA VAL D 128 -19.66 -2.03 -12.46
C VAL D 128 -19.70 -1.01 -11.34
N THR D 129 -19.57 0.27 -11.65
CA THR D 129 -19.48 1.31 -10.61
C THR D 129 -20.60 2.35 -10.78
N ARG D 130 -21.19 2.75 -9.67
CA ARG D 130 -22.13 3.86 -9.67
C ARG D 130 -21.38 5.20 -9.65
N ARG D 131 -20.06 5.11 -9.48
CA ARG D 131 -19.17 6.25 -9.33
C ARG D 131 -18.36 6.45 -10.63
N GLU D 132 -17.11 6.89 -10.51
CA GLU D 132 -16.38 7.37 -11.66
C GLU D 132 -15.49 6.25 -12.16
N VAL D 133 -15.60 6.02 -13.46
CA VAL D 133 -15.10 4.84 -14.10
C VAL D 133 -13.57 4.75 -14.08
N HIS D 134 -12.89 5.85 -13.83
CA HIS D 134 -11.45 5.84 -13.87
C HIS D 134 -10.86 5.35 -12.58
N ILE D 135 -11.35 5.85 -11.45
CA ILE D 135 -10.69 5.48 -10.20
C ILE D 135 -11.12 4.06 -9.81
N TYR D 136 -12.33 3.65 -10.23
CA TYR D 136 -12.77 2.30 -10.01
C TYR D 136 -11.91 1.37 -10.81
N TYR D 137 -11.71 1.63 -12.09
CA TYR D 137 -10.69 0.85 -12.84
C TYR D 137 -9.42 0.66 -12.07
N LEU D 138 -8.90 1.73 -11.48
CA LEU D 138 -7.61 1.71 -10.82
C LEU D 138 -7.72 0.95 -9.49
N GLU D 139 -8.83 1.13 -8.77
CA GLU D 139 -9.06 0.40 -7.52
C GLU D 139 -9.01 -1.08 -7.83
N LYS D 140 -9.59 -1.46 -8.95
CA LYS D 140 -9.56 -2.85 -9.34
C LYS D 140 -8.17 -3.31 -9.70
N ALA D 141 -7.48 -2.56 -10.55
CA ALA D 141 -6.08 -2.80 -10.88
C ALA D 141 -5.27 -3.01 -9.60
N ASN D 142 -5.46 -2.14 -8.63
CA ASN D 142 -4.82 -2.26 -7.31
C ASN D 142 -5.26 -3.47 -6.47
N LYS D 143 -6.57 -3.73 -6.38
CA LYS D 143 -7.06 -4.91 -5.66
C LYS D 143 -6.58 -6.18 -6.34
N ILE D 144 -6.59 -6.15 -7.68
CA ILE D 144 -6.31 -7.31 -8.53
C ILE D 144 -4.88 -7.80 -8.41
N LYS D 145 -3.94 -6.90 -8.68
CA LYS D 145 -2.51 -7.19 -8.94
C LYS D 145 -2.16 -8.42 -9.83
N SER D 146 -3.14 -9.04 -10.48
CA SER D 146 -2.82 -9.93 -11.58
C SER D 146 -2.72 -8.99 -12.75
N GLU D 147 -1.50 -8.71 -13.15
CA GLU D 147 -1.28 -7.79 -14.24
C GLU D 147 -1.60 -8.46 -15.57
N LYS D 148 -1.73 -9.79 -15.59
CA LYS D 148 -2.15 -10.54 -16.77
C LYS D 148 -3.66 -10.70 -16.89
N THR D 149 -4.43 -10.10 -16.00
CA THR D 149 -5.89 -10.19 -16.17
C THR D 149 -6.44 -8.90 -16.81
N HIS D 150 -7.26 -9.04 -17.84
CA HIS D 150 -7.87 -7.92 -18.54
C HIS D 150 -9.02 -7.45 -17.71
N ILE D 151 -9.09 -6.14 -17.53
CA ILE D 151 -10.09 -5.47 -16.73
C ILE D 151 -11.02 -4.64 -17.63
N HIS D 152 -12.33 -4.79 -17.44
CA HIS D 152 -13.34 -3.97 -18.13
C HIS D 152 -14.31 -3.41 -17.15
N ILE D 153 -14.33 -2.09 -17.01
CA ILE D 153 -15.27 -1.40 -16.12
C ILE D 153 -16.36 -0.70 -16.90
N PHE D 154 -17.61 -0.89 -16.49
CA PHE D 154 -18.76 -0.11 -16.98
C PHE D 154 -19.39 0.76 -15.85
N SER D 155 -20.02 1.88 -16.23
CA SER D 155 -20.79 2.72 -15.28
C SER D 155 -22.25 2.82 -15.65
N PHE D 156 -23.05 3.32 -14.73
CA PHE D 156 -24.50 3.42 -14.97
C PHE D 156 -24.76 4.64 -15.86
N THR D 157 -23.75 5.48 -15.93
CA THR D 157 -23.76 6.70 -16.71
C THR D 157 -23.35 6.46 -18.15
N GLY D 158 -22.82 5.28 -18.49
CA GLY D 158 -22.60 4.93 -19.89
C GLY D 158 -21.15 4.89 -20.37
N GLU D 159 -20.20 5.34 -19.55
CA GLU D 159 -18.79 5.23 -19.92
C GLU D 159 -18.33 3.80 -19.68
N GLU D 160 -17.11 3.55 -20.11
CA GLU D 160 -16.47 2.30 -19.87
C GLU D 160 -15.00 2.55 -19.93
N MET D 161 -14.26 1.69 -19.26
CA MET D 161 -12.84 1.69 -19.36
C MET D 161 -12.34 0.26 -19.33
N ALA D 162 -11.30 -0.02 -20.12
CA ALA D 162 -10.69 -1.33 -20.20
C ALA D 162 -9.17 -1.25 -20.38
N THR D 163 -8.51 -2.30 -19.95
CA THR D 163 -7.05 -2.43 -20.11
C THR D 163 -6.59 -2.16 -21.54
N LYS D 164 -5.61 -1.27 -21.64
CA LYS D 164 -5.00 -0.81 -22.91
C LYS D 164 -6.04 -0.37 -23.91
N ALA D 165 -7.18 0.13 -23.46
CA ALA D 165 -8.31 0.51 -24.33
C ALA D 165 -8.73 -0.59 -25.32
N ASP D 166 -8.46 -1.83 -24.95
CA ASP D 166 -8.88 -2.99 -25.69
C ASP D 166 -10.19 -3.45 -25.06
N TYR D 167 -11.31 -3.20 -25.73
CA TYR D 167 -12.62 -3.42 -25.13
C TYR D 167 -13.19 -4.77 -25.43
N THR D 168 -12.38 -5.62 -26.04
CA THR D 168 -12.74 -7.03 -26.26
C THR D 168 -13.96 -7.19 -27.14
N LEU D 169 -15.12 -6.74 -26.69
CA LEU D 169 -16.33 -6.93 -27.47
C LEU D 169 -16.46 -5.88 -28.56
N ASP D 170 -17.40 -6.12 -29.45
CA ASP D 170 -17.78 -5.14 -30.45
C ASP D 170 -18.68 -4.14 -29.77
N GLU D 171 -18.85 -3.01 -30.46
CA GLU D 171 -19.54 -1.87 -29.89
C GLU D 171 -20.99 -2.20 -29.58
N GLU D 172 -21.65 -3.00 -30.41
CA GLU D 172 -23.06 -3.26 -30.15
C GLU D 172 -23.28 -4.02 -28.85
N SER D 173 -22.48 -5.06 -28.65
CA SER D 173 -22.62 -5.89 -27.45
C SER D 173 -22.44 -5.02 -26.20
N ARG D 174 -21.43 -4.17 -26.25
CA ARG D 174 -21.17 -3.22 -25.18
C ARG D 174 -22.27 -2.19 -25.04
N ALA D 175 -22.83 -1.80 -26.18
CA ALA D 175 -23.90 -0.83 -26.18
C ALA D 175 -25.11 -1.44 -25.48
N ARG D 176 -25.39 -2.69 -25.84
CA ARG D 176 -26.38 -3.53 -25.19
C ARG D 176 -26.24 -3.48 -23.63
N ILE D 177 -25.03 -3.74 -23.10
CA ILE D 177 -24.76 -3.66 -21.66
C ILE D 177 -24.93 -2.25 -21.09
N LYS D 178 -24.36 -1.24 -21.77
CA LYS D 178 -24.48 0.18 -21.30
C LYS D 178 -25.93 0.63 -21.13
N THR D 179 -26.72 0.34 -22.14
CA THR D 179 -28.16 0.60 -22.12
C THR D 179 -28.88 -0.09 -20.97
N ARG D 180 -28.50 -1.33 -20.71
CA ARG D 180 -29.08 -2.04 -19.60
C ARG D 180 -28.79 -1.28 -18.28
N LEU D 181 -27.55 -0.83 -18.09
CA LEU D 181 -27.21 -0.12 -16.85
C LEU D 181 -27.92 1.23 -16.80
N PHE D 182 -27.88 1.92 -17.95
CA PHE D 182 -28.70 3.10 -18.17
C PHE D 182 -30.12 2.86 -17.62
N THR D 183 -30.84 1.90 -18.19
CA THR D 183 -32.19 1.56 -17.73
C THR D 183 -32.24 1.43 -16.20
N ILE D 184 -31.47 0.51 -15.62
CA ILE D 184 -31.55 0.22 -14.16
C ILE D 184 -31.49 1.51 -13.31
N ARG D 185 -30.63 2.43 -13.70
CA ARG D 185 -30.43 3.66 -12.92
C ARG D 185 -31.65 4.56 -13.04
N GLN D 186 -32.16 4.66 -14.26
CA GLN D 186 -33.35 5.45 -14.52
C GLN D 186 -34.56 4.86 -13.83
N GLU D 187 -34.72 3.55 -13.84
CA GLU D 187 -35.86 2.98 -13.15
C GLU D 187 -35.70 3.10 -11.63
N MET D 188 -34.50 2.85 -11.11
CA MET D 188 -34.21 3.12 -9.69
C MET D 188 -34.50 4.58 -9.32
N ALA D 189 -34.17 5.51 -10.22
CA ALA D 189 -34.50 6.91 -10.02
C ALA D 189 -36.04 7.10 -9.95
N SER D 190 -36.76 6.57 -10.94
CA SER D 190 -38.24 6.59 -10.92
C SER D 190 -38.87 6.22 -9.58
N ARG D 191 -38.07 5.66 -8.67
CA ARG D 191 -38.53 5.31 -7.32
C ARG D 191 -37.60 5.80 -6.25
N SER D 192 -36.79 6.79 -6.56
CA SER D 192 -35.81 7.33 -5.61
C SER D 192 -35.16 6.26 -4.69
N LEU D 193 -34.76 5.14 -5.30
CA LEU D 193 -33.91 4.17 -4.63
C LEU D 193 -32.43 4.50 -4.95
N TRP D 194 -32.23 5.31 -6.00
CA TRP D 194 -30.93 5.51 -6.61
C TRP D 194 -29.92 6.28 -5.78
N ASP D 195 -30.35 7.40 -5.23
CA ASP D 195 -29.43 8.27 -4.53
C ASP D 195 -28.69 7.47 -3.43
N SER D 196 -29.42 6.61 -2.75
CA SER D 196 -28.91 5.77 -1.67
C SER D 196 -27.95 4.65 -2.18
N PHE D 197 -28.38 3.99 -3.25
CA PHE D 197 -27.57 3.03 -3.98
C PHE D 197 -26.20 3.63 -4.31
N ARG D 198 -26.21 4.79 -4.98
CA ARG D 198 -24.97 5.47 -5.36
C ARG D 198 -24.13 5.77 -4.13
N GLN D 199 -24.74 6.31 -3.09
CA GLN D 199 -23.97 6.70 -1.91
C GLN D 199 -23.23 5.53 -1.27
N SER D 200 -23.77 4.32 -1.41
CA SER D 200 -23.24 3.17 -0.65
C SER D 200 -22.03 2.42 -1.24
N GLU D 201 -21.65 2.65 -2.49
CA GLU D 201 -20.46 1.96 -3.01
C GLU D 201 -19.18 2.13 -2.16
S SO4 E . 3.98 0.62 16.39
O1 SO4 E . 2.88 0.40 17.38
O2 SO4 E . 4.20 2.09 16.46
O3 SO4 E . 3.66 0.14 15.02
O4 SO4 E . 5.26 -0.02 16.72
S SO4 F . -4.94 26.42 25.18
O1 SO4 F . -4.69 26.74 26.60
O2 SO4 F . -3.68 26.57 24.45
O3 SO4 F . -6.00 27.31 24.60
O4 SO4 F . -5.40 25.01 25.12
S SO4 G . -11.59 15.46 13.49
O1 SO4 G . -11.86 16.08 14.85
O2 SO4 G . -10.23 14.89 13.33
O3 SO4 G . -11.82 16.47 12.41
O4 SO4 G . -12.56 14.33 13.35
S SO4 H . -2.92 15.72 22.14
O1 SO4 H . -2.69 15.37 23.57
O2 SO4 H . -2.33 17.05 21.93
O3 SO4 H . -4.38 15.77 21.83
O4 SO4 H . -2.21 14.69 21.33
CL CI3 I . -0.81 13.06 15.22
CZB CI3 I . -0.25 11.44 14.70
CEA CI3 I . -1.14 10.36 14.74
CDA CI3 I . -0.68 9.11 14.35
CEB CI3 I . 1.07 11.30 14.27
CDB CI3 I . 1.50 10.06 13.90
CGA CI3 I . 0.63 8.97 13.93
CO CI3 I . 1.16 7.62 13.53
CF CI3 I . 1.73 6.86 14.74
CH CI3 I . 2.48 5.60 14.24
CB CI3 I . 2.76 7.71 15.48
O13 CI3 I . 3.91 7.66 15.10
CM CI3 I . 2.46 8.66 16.57
CA CI3 I . 3.41 9.54 16.97
O14 CI3 I . 4.66 9.57 16.45
CE CI3 I . 3.08 10.50 18.01
CG CI3 I . 0.54 6.51 15.67
OAO CI3 I . 3.93 11.37 18.35
OAN CI3 I . 1.95 10.44 18.55
CK CI3 I . 0.76 5.33 16.63
CI CI3 I . 1.73 4.28 16.12
NJ CI3 I . 1.80 4.36 14.64
CP CI3 I . 2.49 3.15 14.06
CGB CI3 I . 1.85 2.85 12.72
CD1 CI3 I . 2.45 3.34 11.56
CE1 CI3 I . 1.84 3.10 10.34
CZ CI3 I . 0.63 2.42 10.31
CE2 CI3 I . 0.02 1.94 11.47
CD2 CI3 I . 0.65 2.17 12.70
MN MN J . 5.81 11.08 17.51
MN MN K . 5.72 8.34 14.93
S SO4 L . -1.67 7.26 -15.65
O1 SO4 L . -0.80 6.20 -16.25
O2 SO4 L . -0.79 8.15 -14.89
O3 SO4 L . -2.67 6.76 -14.66
O4 SO4 L . -2.23 8.07 -16.75
S SO4 M . 25.84 14.08 -21.18
O1 SO4 M . 24.89 14.09 -22.30
O2 SO4 M . 26.66 12.84 -21.25
O3 SO4 M . 25.11 14.13 -19.91
O4 SO4 M . 26.71 15.27 -21.25
S SO4 N . 18.53 1.26 -12.57
O1 SO4 N . 19.61 1.22 -13.59
O2 SO4 N . 17.40 2.13 -12.98
O3 SO4 N . 19.09 1.76 -11.29
O4 SO4 N . 17.99 -0.10 -12.38
S SO4 O . 15.18 10.66 -20.46
O1 SO4 O . 16.05 9.61 -21.01
O2 SO4 O . 14.58 11.43 -21.56
O3 SO4 O . 16.02 11.47 -19.56
O4 SO4 O . 14.06 10.13 -19.65
CL CI3 P . 11.36 9.72 -13.42
CZB CI3 P . 9.67 9.20 -13.24
CEA CI3 P . 9.27 7.94 -13.69
CDA CI3 P . 7.94 7.55 -13.53
CEB CI3 P . 8.76 10.06 -12.63
CDB CI3 P . 7.43 9.68 -12.47
CGA CI3 P . 7.02 8.42 -12.91
CO CI3 P . 5.58 8.05 -12.75
CF CI3 P . 4.74 8.51 -13.95
CH CI3 P . 3.27 8.46 -13.56
CB CI3 P . 5.05 9.97 -14.31
O13 CI3 P . 4.35 10.87 -13.86
CM CI3 P . 6.18 10.37 -15.16
CA CI3 P . 6.40 11.66 -15.48
O14 CI3 P . 5.62 12.66 -15.06
CE CI3 P . 7.54 11.99 -16.33
CG CI3 P . 5.02 7.55 -15.13
OAO CI3 P . 7.84 13.20 -16.46
OAN CI3 P . 8.18 11.08 -16.89
CK CI3 P . 3.88 7.36 -16.13
CI CI3 P . 2.49 7.27 -15.51
NJ CI3 P . 2.60 7.24 -14.02
CP CI3 P . 1.26 7.09 -13.36
CGB CI3 P . 1.23 5.96 -12.38
CD1 CI3 P . 1.45 6.18 -11.02
CE1 CI3 P . 1.43 5.11 -10.13
CZ CI3 P . 1.23 3.81 -10.58
CE2 CI3 P . 1.03 3.57 -11.94
CD2 CI3 P . 1.04 4.65 -12.84
MN MN Q . 6.41 14.74 -15.51
MN MN R . 4.05 12.67 -13.39
S SO4 S . -6.01 -17.86 -1.21
O1 SO4 S . -5.24 -16.91 -2.03
O2 SO4 S . -5.27 -18.13 0.08
O3 SO4 S . -6.30 -19.05 -2.07
O4 SO4 S . -7.33 -17.38 -0.78
S SO4 T . 20.83 -15.47 11.17
O1 SO4 T . 20.10 -14.24 11.54
O2 SO4 T . 19.84 -16.56 11.01
O3 SO4 T . 21.77 -15.82 12.26
O4 SO4 T . 21.59 -15.22 9.90
S SO4 U . 14.89 -19.17 -4.97
O1 SO4 U . 16.15 -18.56 -4.47
O2 SO4 U . 13.75 -18.99 -4.04
O3 SO4 U . 15.18 -20.62 -5.14
O4 SO4 U . 14.49 -18.58 -6.29
CL CI3 V . 2.09 -26.01 1.01
CZB CI3 V . 1.95 -24.29 0.46
CEA CI3 V . 2.29 -23.28 1.36
CDA CI3 V . 2.20 -21.94 1.00
CEB CI3 V . 1.53 -23.95 -0.84
CDB CI3 V . 1.46 -22.61 -1.21
CGA CI3 V . 1.79 -21.60 -0.28
CO CI3 V . 1.64 -20.17 -0.64
CF CI3 V . 0.25 -19.63 -0.09
CH CI3 V . -0.96 -20.40 -0.67
CB CI3 V . 0.12 -19.70 1.44
O13 CI3 V . -0.84 -20.26 1.98
CM CI3 V . 1.17 -19.11 2.32
CA CI3 V . 1.28 -19.14 3.67
O14 CI3 V . 0.35 -19.75 4.41
CE CI3 V . 2.49 -18.48 4.25
CG CI3 V . 0.32 -18.13 -0.49
OAO CI3 V . 2.74 -18.34 5.48
OAN CI3 V . 3.32 -18.05 3.44
CK CI3 V . -0.87 -17.48 -1.17
CI CI3 V . -2.13 -18.26 -0.93
NJ CI3 V . -1.88 -19.57 -1.50
CP CI3 V . -3.22 -20.20 -1.67
CGB CI3 V . -3.10 -21.60 -2.21
CD1 CI3 V . -3.43 -22.67 -1.38
CE1 CI3 V . -3.32 -23.96 -1.86
CZ CI3 V . -2.87 -24.19 -3.16
CE2 CI3 V . -2.54 -23.12 -3.99
CD2 CI3 V . -2.66 -21.82 -3.51
MN MN W . 1.12 -19.28 6.51
MN MN X . -1.25 -21.06 3.84
S SO4 Y . -11.26 -14.45 -4.78
O1 SO4 Y . -10.61 -13.21 -4.29
O2 SO4 Y . -12.10 -14.07 -5.96
O3 SO4 Y . -12.05 -15.12 -3.71
O4 SO4 Y . -10.23 -15.41 -5.21
S SO4 Z . -25.13 10.09 -10.69
O1 SO4 Z . -24.16 11.08 -11.26
O2 SO4 Z . -24.40 9.23 -9.74
O3 SO4 Z . -25.70 9.28 -11.80
O4 SO4 Z . -26.22 10.76 -9.93
S SO4 AA . -26.30 -1.60 1.96
O1 SO4 AA . -25.49 -0.39 1.60
O2 SO4 AA . -26.02 -2.74 1.05
O3 SO4 AA . -27.74 -1.22 1.89
O4 SO4 AA . -25.96 -1.98 3.35
CL CI3 BA . -21.25 -10.89 -0.55
CZB CI3 BA . -20.45 -10.99 -2.13
CEA CI3 BA . -20.56 -12.13 -2.92
CDA CI3 BA . -19.91 -12.14 -4.16
CEB CI3 BA . -19.71 -9.89 -2.52
CDB CI3 BA . -19.06 -9.89 -3.73
CGA CI3 BA . -19.15 -11.02 -4.55
CO CI3 BA . -18.43 -11.01 -5.87
CF CI3 BA . -16.91 -11.25 -5.75
CH CI3 BA . -16.54 -12.73 -5.67
CB CI3 BA . -16.45 -10.68 -7.06
O13 CI3 BA . -16.10 -11.47 -7.94
CM CI3 BA . -16.52 -9.22 -7.26
CA CI3 BA . -16.48 -8.63 -8.49
O14 CI3 BA . -16.28 -9.31 -9.61
CE CI3 BA . -16.59 -7.18 -8.55
CG CI3 BA . -16.25 -10.49 -4.57
OAO CI3 BA . -16.73 -6.63 -9.66
OAN CI3 BA . -16.51 -6.50 -7.51
CK CI3 BA . -14.76 -10.79 -4.38
CI CI3 BA . -14.49 -12.28 -4.19
NJ CI3 BA . -15.65 -13.14 -4.54
CP CI3 BA . -15.20 -14.56 -4.76
CGB CI3 BA . -16.31 -15.46 -4.28
CD1 CI3 BA . -16.91 -16.38 -5.14
CE1 CI3 BA . -17.97 -17.16 -4.68
CZ CI3 BA . -18.43 -17.01 -3.36
CE2 CI3 BA . -17.85 -16.09 -2.50
CD2 CI3 BA . -16.78 -15.33 -2.97
MN MN CA . -16.04 -8.34 -11.25
MN MN DA . -16.05 -11.59 -9.75
#